data_2LBO
#
_entry.id   2LBO
#
_entity_poly.entity_id   1
_entity_poly.type   'polypeptide(L)'
_entity_poly.pdbx_seq_one_letter_code
;APTLQEALDRKCAQFGKESCNSGLASYCGAAIYARYDKGNSSQQTKEWRCYIEKELDFSKSGDGCVDDCGSMTSCRGSVS
GPSTSHLTRPSELQAVIDSDKSNYCTDKSEQQPSQATPPPEIP
;
_entity_poly.pdbx_strand_id   A
#
# COMPACT_ATOMS: atom_id res chain seq x y z
N ALA A 1 6.75 -12.25 -1.07
CA ALA A 1 6.98 -10.94 -0.43
C ALA A 1 7.78 -11.10 0.85
N PRO A 2 8.77 -10.22 1.07
CA PRO A 2 9.63 -10.24 2.24
C PRO A 2 8.96 -9.69 3.47
N THR A 3 8.05 -8.76 3.28
CA THR A 3 7.38 -8.12 4.39
C THR A 3 5.88 -8.04 4.15
N LEU A 4 5.11 -7.77 5.20
CA LEU A 4 3.67 -7.85 5.11
C LEU A 4 3.10 -6.86 4.08
N GLN A 5 3.65 -5.66 4.06
CA GLN A 5 3.20 -4.63 3.12
C GLN A 5 3.43 -5.06 1.68
N GLU A 6 4.46 -5.85 1.42
CA GLU A 6 4.71 -6.29 0.06
C GLU A 6 3.74 -7.40 -0.34
N ALA A 7 3.23 -8.13 0.65
CA ALA A 7 2.19 -9.11 0.40
C ALA A 7 0.92 -8.36 0.01
N LEU A 8 0.83 -7.12 0.50
CA LEU A 8 -0.23 -6.23 0.08
C LEU A 8 -0.05 -5.83 -1.37
N ASP A 9 1.16 -5.39 -1.70
CA ASP A 9 1.53 -5.07 -3.08
C ASP A 9 1.26 -6.26 -4.00
N ARG A 10 1.37 -7.44 -3.42
CA ARG A 10 1.14 -8.70 -4.12
C ARG A 10 -0.34 -8.94 -4.31
N LYS A 11 -1.08 -8.68 -3.26
CA LYS A 11 -2.54 -8.66 -3.32
C LYS A 11 -2.97 -7.64 -4.37
N CYS A 12 -2.30 -6.50 -4.31
CA CYS A 12 -2.49 -5.41 -5.24
C CYS A 12 -2.18 -5.81 -6.67
N ALA A 13 -1.21 -6.68 -6.85
CA ALA A 13 -0.82 -7.13 -8.18
C ALA A 13 -1.89 -8.07 -8.72
N GLN A 14 -2.65 -8.66 -7.81
CA GLN A 14 -3.68 -9.62 -8.16
C GLN A 14 -4.97 -8.94 -8.56
N PHE A 15 -5.20 -7.74 -8.05
CA PHE A 15 -6.36 -6.93 -8.45
C PHE A 15 -5.97 -5.96 -9.54
N GLY A 16 -4.91 -5.19 -9.29
CA GLY A 16 -4.46 -4.19 -10.22
C GLY A 16 -4.25 -4.76 -11.60
N LYS A 17 -3.35 -5.72 -11.70
CA LYS A 17 -2.97 -6.25 -12.98
C LYS A 17 -4.07 -7.16 -13.52
N GLU A 18 -4.97 -7.58 -12.64
CA GLU A 18 -6.20 -8.23 -13.07
C GLU A 18 -7.00 -7.28 -13.95
N SER A 19 -7.07 -6.03 -13.53
CA SER A 19 -7.69 -4.99 -14.33
C SER A 19 -6.90 -4.78 -15.60
N CYS A 20 -5.58 -4.83 -15.47
CA CYS A 20 -4.69 -4.76 -16.61
C CYS A 20 -4.98 -5.91 -17.59
N ASN A 21 -5.24 -7.09 -17.03
CA ASN A 21 -5.59 -8.26 -17.84
C ASN A 21 -6.93 -8.05 -18.52
N SER A 22 -7.77 -7.22 -17.92
CA SER A 22 -9.09 -6.92 -18.46
C SER A 22 -8.99 -5.83 -19.52
N GLY A 23 -7.81 -5.22 -19.63
CA GLY A 23 -7.58 -4.22 -20.66
C GLY A 23 -7.12 -2.90 -20.11
N LEU A 24 -7.08 -2.79 -18.79
CA LEU A 24 -6.68 -1.54 -18.14
C LEU A 24 -5.21 -1.24 -18.40
N ALA A 25 -4.99 -0.30 -19.29
CA ALA A 25 -3.64 0.07 -19.72
C ALA A 25 -2.79 0.54 -18.55
N SER A 26 -3.44 1.16 -17.58
CA SER A 26 -2.77 1.68 -16.40
C SER A 26 -1.93 0.62 -15.69
N TYR A 27 -2.55 -0.47 -15.25
CA TYR A 27 -1.85 -1.49 -14.48
C TYR A 27 -0.95 -2.33 -15.38
N CYS A 28 -1.17 -2.26 -16.68
CA CYS A 28 -0.42 -3.06 -17.64
C CYS A 28 1.06 -2.68 -17.62
N GLY A 29 1.87 -3.56 -17.04
CA GLY A 29 3.29 -3.31 -16.94
C GLY A 29 3.61 -2.22 -15.92
N ALA A 30 2.69 -1.99 -15.00
CA ALA A 30 2.84 -0.95 -13.99
C ALA A 30 3.28 -1.56 -12.66
N ALA A 31 3.74 -0.69 -11.76
CA ALA A 31 4.11 -1.08 -10.42
C ALA A 31 2.97 -0.76 -9.48
N ILE A 32 2.24 -1.75 -9.01
CA ILE A 32 1.11 -1.46 -8.14
C ILE A 32 1.48 -1.69 -6.68
N TYR A 33 1.02 -0.79 -5.84
CA TYR A 33 1.37 -0.81 -4.43
C TYR A 33 0.13 -0.69 -3.57
N ALA A 34 0.20 -1.24 -2.36
CA ALA A 34 -0.87 -1.10 -1.41
C ALA A 34 -0.71 0.17 -0.61
N ARG A 35 -1.67 1.06 -0.72
CA ARG A 35 -1.62 2.26 0.06
C ARG A 35 -2.98 2.54 0.68
N TYR A 36 -3.00 2.56 2.00
CA TYR A 36 -4.16 2.97 2.76
C TYR A 36 -4.26 4.47 2.65
N ASP A 37 -4.88 4.94 1.59
CA ASP A 37 -4.95 6.37 1.31
C ASP A 37 -6.24 6.68 0.60
N LYS A 38 -6.35 7.88 0.06
CA LYS A 38 -7.55 8.29 -0.62
C LYS A 38 -7.56 7.76 -2.04
N GLY A 39 -8.75 7.60 -2.57
CA GLY A 39 -8.91 7.13 -3.93
C GLY A 39 -9.23 8.27 -4.87
N ASN A 40 -10.24 8.07 -5.70
CA ASN A 40 -10.72 9.12 -6.59
C ASN A 40 -11.37 10.22 -5.74
N SER A 41 -11.63 11.39 -6.33
CA SER A 41 -12.11 12.54 -5.59
C SER A 41 -13.37 12.20 -4.78
N SER A 42 -14.34 11.55 -5.43
CA SER A 42 -15.58 11.16 -4.77
C SER A 42 -15.37 9.92 -3.89
N GLN A 43 -14.19 9.33 -4.00
CA GLN A 43 -13.85 8.09 -3.30
C GLN A 43 -12.86 8.37 -2.18
N GLN A 44 -12.96 9.56 -1.58
CA GLN A 44 -12.05 9.99 -0.52
C GLN A 44 -12.07 9.05 0.71
N THR A 45 -11.51 9.52 1.83
CA THR A 45 -11.27 8.72 3.05
C THR A 45 -10.33 7.55 2.78
N LYS A 46 -9.31 7.39 3.62
CA LYS A 46 -8.34 6.34 3.41
C LYS A 46 -8.93 4.98 3.69
N GLU A 47 -8.81 4.12 2.71
CA GLU A 47 -9.13 2.70 2.82
C GLU A 47 -8.11 1.96 2.01
N TRP A 48 -7.79 0.75 2.41
CA TRP A 48 -6.82 -0.04 1.67
C TRP A 48 -7.25 -0.17 0.22
N ARG A 49 -6.51 0.42 -0.64
CA ARG A 49 -6.79 0.34 -2.04
C ARG A 49 -5.51 -0.02 -2.76
N CYS A 50 -5.65 -0.42 -4.00
CA CYS A 50 -4.50 -0.75 -4.78
C CYS A 50 -4.22 0.42 -5.69
N TYR A 51 -3.04 0.99 -5.54
CA TYR A 51 -2.64 2.15 -6.30
C TYR A 51 -1.39 1.82 -7.05
N ILE A 52 -1.43 1.91 -8.36
CA ILE A 52 -0.22 1.74 -9.12
C ILE A 52 0.68 2.95 -8.93
N GLU A 53 1.97 2.77 -9.09
CA GLU A 53 2.94 3.84 -8.87
C GLU A 53 2.52 5.11 -9.60
N LYS A 54 1.84 4.92 -10.72
CA LYS A 54 1.24 6.00 -11.48
C LYS A 54 0.47 6.98 -10.58
N GLU A 55 -0.25 6.40 -9.64
CA GLU A 55 -1.24 7.13 -8.86
C GLU A 55 -0.68 7.65 -7.53
N LEU A 56 0.42 7.08 -7.08
CA LEU A 56 1.03 7.52 -5.83
C LEU A 56 1.92 8.71 -6.04
N ASP A 57 2.23 9.37 -4.94
CA ASP A 57 3.20 10.44 -4.92
C ASP A 57 4.24 10.13 -3.87
N PHE A 58 5.47 9.96 -4.29
CA PHE A 58 6.57 9.66 -3.38
C PHE A 58 7.09 10.93 -2.71
N SER A 59 6.47 12.06 -3.05
CA SER A 59 6.75 13.30 -2.35
C SER A 59 5.81 13.40 -1.18
N LYS A 60 4.90 12.43 -1.10
CA LYS A 60 4.04 12.26 0.04
C LYS A 60 4.56 11.09 0.84
N SER A 61 4.76 11.30 2.13
CA SER A 61 5.15 10.21 2.97
C SER A 61 3.94 9.33 3.21
N GLY A 62 4.09 8.07 2.89
CA GLY A 62 2.97 7.17 2.95
C GLY A 62 2.71 6.70 4.35
N ASP A 63 2.06 7.53 5.14
CA ASP A 63 1.62 7.13 6.47
C ASP A 63 0.35 6.30 6.35
N GLY A 64 0.28 5.57 5.24
CA GLY A 64 -0.86 4.74 4.93
C GLY A 64 -0.41 3.38 4.43
N CYS A 65 0.72 2.93 4.90
CA CYS A 65 1.19 1.60 4.60
C CYS A 65 0.90 0.71 5.78
N VAL A 66 1.41 -0.48 5.75
CA VAL A 66 1.39 -1.33 6.92
C VAL A 66 2.75 -1.93 7.07
N ASP A 67 3.18 -2.06 8.30
CA ASP A 67 4.49 -2.56 8.57
C ASP A 67 4.45 -4.08 8.52
N ASP A 68 5.34 -4.76 9.23
CA ASP A 68 5.26 -6.22 9.24
C ASP A 68 4.03 -6.69 10.02
N CYS A 69 3.60 -5.90 10.99
CA CYS A 69 2.35 -6.15 11.67
C CYS A 69 1.30 -5.20 11.11
N GLY A 70 0.02 -5.52 11.27
CA GLY A 70 -1.02 -4.69 10.67
C GLY A 70 -1.25 -3.41 11.45
N SER A 71 -0.28 -2.52 11.29
CA SER A 71 -0.33 -1.19 11.83
C SER A 71 0.18 -0.27 10.73
N MET A 72 -0.52 0.82 10.49
CA MET A 72 -0.18 1.65 9.35
C MET A 72 1.12 2.40 9.56
N THR A 73 2.12 1.98 8.80
CA THR A 73 3.47 2.50 8.92
C THR A 73 3.73 3.55 7.85
N SER A 74 4.81 4.30 8.01
CA SER A 74 5.12 5.39 7.13
C SER A 74 6.20 5.00 6.10
N CYS A 75 5.83 5.07 4.83
CA CYS A 75 6.75 4.80 3.74
C CYS A 75 6.31 5.56 2.51
N ARG A 76 7.24 6.26 1.87
CA ARG A 76 6.92 7.22 0.84
C ARG A 76 6.18 6.59 -0.34
N GLY A 77 5.00 7.12 -0.61
CA GLY A 77 4.22 6.66 -1.74
C GLY A 77 2.75 6.82 -1.48
N SER A 78 2.21 7.99 -1.67
CA SER A 78 0.82 8.23 -1.30
C SER A 78 0.09 9.11 -2.28
N VAL A 79 -1.20 8.86 -2.35
CA VAL A 79 -2.10 9.55 -3.25
C VAL A 79 -2.15 11.05 -2.97
N SER A 80 -1.54 11.82 -3.88
CA SER A 80 -1.50 13.27 -3.77
C SER A 80 -2.82 13.87 -4.26
N GLY A 81 -3.11 13.65 -5.53
CA GLY A 81 -4.39 14.04 -6.08
C GLY A 81 -5.29 12.83 -6.24
N PRO A 82 -6.55 13.02 -6.61
CA PRO A 82 -7.50 11.93 -6.82
C PRO A 82 -6.92 10.78 -7.64
N SER A 83 -6.88 9.61 -7.03
CA SER A 83 -6.36 8.42 -7.68
C SER A 83 -7.40 7.83 -8.62
N THR A 84 -6.99 7.54 -9.83
CA THR A 84 -7.90 6.96 -10.81
C THR A 84 -7.57 5.49 -11.01
N SER A 85 -6.32 5.20 -11.32
CA SER A 85 -5.89 3.83 -11.51
C SER A 85 -5.74 3.13 -10.16
N HIS A 86 -6.85 2.64 -9.64
CA HIS A 86 -6.85 2.08 -8.30
C HIS A 86 -8.01 1.11 -8.10
N LEU A 87 -7.86 0.25 -7.11
CA LEU A 87 -8.90 -0.70 -6.74
C LEU A 87 -9.13 -0.68 -5.24
N THR A 88 -10.32 -0.29 -4.81
CA THR A 88 -10.64 -0.30 -3.40
C THR A 88 -10.93 -1.71 -2.93
N ARG A 89 -9.90 -2.39 -2.48
CA ARG A 89 -10.09 -3.68 -1.83
C ARG A 89 -9.53 -3.60 -0.42
N PRO A 90 -10.14 -2.81 0.45
CA PRO A 90 -9.63 -2.60 1.81
C PRO A 90 -9.86 -3.81 2.67
N SER A 91 -10.91 -4.55 2.34
CA SER A 91 -11.22 -5.81 3.00
C SER A 91 -10.14 -6.84 2.69
N GLU A 92 -9.62 -6.79 1.47
CA GLU A 92 -8.70 -7.78 0.97
C GLU A 92 -7.26 -7.46 1.34
N LEU A 93 -6.89 -6.19 1.29
CA LEU A 93 -5.55 -5.78 1.72
C LEU A 93 -5.36 -6.08 3.21
N GLN A 94 -6.32 -5.65 4.02
CA GLN A 94 -6.23 -5.80 5.47
C GLN A 94 -6.33 -7.28 5.81
N ALA A 95 -6.82 -8.05 4.83
CA ALA A 95 -6.95 -9.49 4.95
C ALA A 95 -5.60 -10.17 4.89
N VAL A 96 -4.79 -9.82 3.88
CA VAL A 96 -3.47 -10.38 3.75
C VAL A 96 -2.58 -9.81 4.85
N ILE A 97 -2.90 -8.63 5.30
CA ILE A 97 -2.29 -8.12 6.50
C ILE A 97 -2.56 -9.11 7.63
N ASP A 98 -3.84 -9.31 7.92
CA ASP A 98 -4.27 -10.26 8.94
C ASP A 98 -3.70 -11.67 8.68
N SER A 99 -3.73 -12.09 7.43
CA SER A 99 -3.34 -13.43 7.04
C SER A 99 -1.83 -13.56 6.96
N ASP A 100 -1.21 -12.76 6.10
CA ASP A 100 0.24 -12.79 5.93
C ASP A 100 0.98 -12.28 7.17
N LYS A 101 0.27 -11.72 8.13
CA LYS A 101 0.87 -11.43 9.43
C LYS A 101 1.47 -12.70 10.03
N SER A 102 0.89 -13.84 9.68
CA SER A 102 1.43 -15.13 10.09
C SER A 102 2.71 -15.42 9.31
N ASN A 103 2.91 -14.62 8.27
CA ASN A 103 4.09 -14.73 7.42
C ASN A 103 5.10 -13.63 7.79
N TYR A 104 4.57 -12.55 8.37
CA TYR A 104 5.39 -11.47 8.92
C TYR A 104 4.58 -10.75 9.97
N CYS A 105 5.06 -10.76 11.19
CA CYS A 105 4.57 -9.88 12.23
C CYS A 105 5.54 -9.85 13.40
N THR A 106 5.98 -8.67 13.76
CA THR A 106 6.79 -8.51 14.95
C THR A 106 5.93 -7.97 16.09
N ASP A 107 6.44 -8.08 17.30
CA ASP A 107 5.77 -7.52 18.48
C ASP A 107 5.97 -6.02 18.53
N LYS A 108 5.68 -5.36 17.41
CA LYS A 108 5.84 -3.92 17.26
C LYS A 108 7.27 -3.49 17.60
N SER A 109 8.20 -3.79 16.70
CA SER A 109 9.59 -3.35 16.86
C SER A 109 9.73 -1.88 16.45
N GLU A 110 8.67 -1.12 16.75
CA GLU A 110 8.51 0.25 16.30
C GLU A 110 8.50 0.34 14.79
N GLN A 111 7.33 0.57 14.24
CA GLN A 111 7.12 0.55 12.80
C GLN A 111 7.94 1.64 12.11
N GLN A 112 8.21 1.42 10.83
CA GLN A 112 9.05 2.30 10.02
C GLN A 112 10.50 2.19 10.48
N PRO A 113 11.16 1.07 10.13
CA PRO A 113 12.54 0.81 10.54
C PRO A 113 13.55 1.68 9.79
N SER A 114 13.85 2.84 10.34
CA SER A 114 14.81 3.75 9.74
C SER A 114 16.17 3.61 10.42
N GLN A 115 16.51 2.38 10.79
CA GLN A 115 17.78 2.06 11.46
C GLN A 115 17.81 2.62 12.89
N ALA A 116 18.86 2.26 13.63
CA ALA A 116 19.09 2.75 14.99
C ALA A 116 18.10 2.14 15.99
N THR A 117 16.83 2.44 15.81
CA THR A 117 15.77 1.98 16.70
C THR A 117 16.02 2.43 18.15
N PRO A 118 15.89 3.74 18.41
CA PRO A 118 16.05 4.30 19.74
C PRO A 118 14.77 4.17 20.57
N PRO A 119 14.88 3.67 21.81
CA PRO A 119 13.73 3.50 22.71
C PRO A 119 13.01 4.83 22.97
N PRO A 120 11.76 4.95 22.48
CA PRO A 120 10.99 6.19 22.55
C PRO A 120 10.34 6.42 23.92
N GLU A 121 11.03 5.99 24.97
CA GLU A 121 10.52 6.13 26.33
C GLU A 121 11.67 6.00 27.32
N ILE A 122 11.59 6.78 28.39
CA ILE A 122 12.62 6.76 29.42
C ILE A 122 12.06 6.17 30.71
N PRO A 123 12.66 5.08 31.20
CA PRO A 123 12.21 4.41 32.41
C PRO A 123 12.77 5.05 33.68
N ALA A 1 6.60 -11.81 -1.55
CA ALA A 1 6.79 -10.57 -0.77
C ALA A 1 7.63 -10.83 0.47
N PRO A 2 8.57 -9.91 0.75
CA PRO A 2 9.45 -9.97 1.91
C PRO A 2 8.79 -9.48 3.18
N THR A 3 7.88 -8.54 3.03
CA THR A 3 7.23 -7.93 4.17
C THR A 3 5.71 -7.89 3.97
N LEU A 4 4.99 -7.57 5.03
CA LEU A 4 3.54 -7.63 4.99
C LEU A 4 2.97 -6.60 4.01
N GLN A 5 3.57 -5.42 3.97
CA GLN A 5 3.21 -4.39 3.01
C GLN A 5 3.37 -4.89 1.57
N GLU A 6 4.47 -5.56 1.30
CA GLU A 6 4.71 -6.06 -0.05
C GLU A 6 3.76 -7.20 -0.37
N ALA A 7 3.29 -7.89 0.67
CA ALA A 7 2.26 -8.91 0.51
C ALA A 7 0.96 -8.25 0.11
N LEU A 8 0.81 -6.99 0.51
CA LEU A 8 -0.32 -6.19 0.09
C LEU A 8 -0.16 -5.77 -1.35
N ASP A 9 1.04 -5.30 -1.69
CA ASP A 9 1.39 -4.95 -3.06
C ASP A 9 1.20 -6.17 -3.95
N ARG A 10 1.31 -7.33 -3.33
CA ARG A 10 1.17 -8.61 -4.00
C ARG A 10 -0.30 -8.94 -4.19
N LYS A 11 -1.11 -8.55 -3.21
CA LYS A 11 -2.56 -8.63 -3.32
C LYS A 11 -3.03 -7.64 -4.38
N CYS A 12 -2.40 -6.49 -4.33
CA CYS A 12 -2.61 -5.43 -5.29
C CYS A 12 -2.22 -5.86 -6.70
N ALA A 13 -1.23 -6.72 -6.80
CA ALA A 13 -0.78 -7.24 -8.07
C ALA A 13 -1.81 -8.24 -8.61
N GLN A 14 -2.61 -8.77 -7.70
CA GLN A 14 -3.63 -9.74 -8.03
C GLN A 14 -4.87 -9.06 -8.62
N PHE A 15 -5.11 -7.84 -8.18
CA PHE A 15 -6.27 -7.07 -8.68
C PHE A 15 -5.86 -6.11 -9.77
N GLY A 16 -4.82 -5.34 -9.50
CA GLY A 16 -4.37 -4.33 -10.44
C GLY A 16 -4.15 -4.89 -11.81
N LYS A 17 -3.22 -5.80 -11.91
CA LYS A 17 -2.83 -6.32 -13.18
C LYS A 17 -3.89 -7.27 -13.72
N GLU A 18 -4.73 -7.78 -12.83
CA GLU A 18 -5.93 -8.50 -13.27
C GLU A 18 -6.83 -7.57 -14.06
N SER A 19 -6.94 -6.33 -13.59
CA SER A 19 -7.63 -5.29 -14.32
C SER A 19 -6.90 -5.00 -15.61
N CYS A 20 -5.58 -4.92 -15.52
CA CYS A 20 -4.73 -4.73 -16.68
C CYS A 20 -4.96 -5.85 -17.70
N ASN A 21 -5.18 -7.05 -17.19
CA ASN A 21 -5.39 -8.24 -18.01
C ASN A 21 -6.78 -8.27 -18.61
N SER A 22 -7.71 -7.52 -18.02
CA SER A 22 -9.07 -7.48 -18.51
C SER A 22 -9.33 -6.26 -19.39
N GLY A 23 -8.43 -5.28 -19.36
CA GLY A 23 -8.55 -4.17 -20.27
C GLY A 23 -8.04 -2.86 -19.70
N LEU A 24 -7.69 -2.85 -18.43
CA LEU A 24 -7.20 -1.64 -17.79
C LEU A 24 -5.77 -1.34 -18.22
N ALA A 25 -5.67 -0.38 -19.11
CA ALA A 25 -4.38 0.00 -19.68
C ALA A 25 -3.46 0.63 -18.63
N SER A 26 -4.05 1.04 -17.51
CA SER A 26 -3.30 1.68 -16.45
C SER A 26 -2.33 0.73 -15.77
N TYR A 27 -2.85 -0.38 -15.23
CA TYR A 27 -2.02 -1.37 -14.54
C TYR A 27 -1.11 -2.10 -15.52
N CYS A 28 -1.42 -1.96 -16.80
CA CYS A 28 -0.61 -2.58 -17.85
C CYS A 28 0.75 -1.90 -17.92
N GLY A 29 1.78 -2.62 -17.50
CA GLY A 29 3.12 -2.06 -17.46
C GLY A 29 3.28 -1.11 -16.30
N ALA A 30 2.81 -1.54 -15.13
CA ALA A 30 2.82 -0.71 -13.94
C ALA A 30 3.35 -1.46 -12.74
N ALA A 31 3.70 -0.72 -11.70
CA ALA A 31 4.06 -1.29 -10.41
C ALA A 31 2.95 -0.96 -9.43
N ILE A 32 2.22 -1.94 -8.95
CA ILE A 32 1.07 -1.62 -8.11
C ILE A 32 1.39 -1.83 -6.64
N TYR A 33 0.90 -0.92 -5.82
CA TYR A 33 1.20 -0.92 -4.40
C TYR A 33 -0.07 -0.77 -3.57
N ALA A 34 -0.01 -1.25 -2.35
CA ALA A 34 -1.10 -1.10 -1.40
C ALA A 34 -0.92 0.16 -0.60
N ARG A 35 -1.86 1.07 -0.69
CA ARG A 35 -1.77 2.25 0.11
C ARG A 35 -3.13 2.58 0.73
N TYR A 36 -3.13 2.63 2.05
CA TYR A 36 -4.31 3.00 2.81
C TYR A 36 -4.45 4.52 2.75
N ASP A 37 -4.99 5.00 1.64
CA ASP A 37 -5.05 6.42 1.37
C ASP A 37 -6.32 6.76 0.61
N LYS A 38 -6.44 8.02 0.21
CA LYS A 38 -7.57 8.46 -0.55
C LYS A 38 -7.61 7.79 -1.91
N GLY A 39 -8.80 7.65 -2.46
CA GLY A 39 -8.93 7.19 -3.82
C GLY A 39 -8.80 8.36 -4.76
N ASN A 40 -9.81 8.58 -5.57
CA ASN A 40 -9.85 9.78 -6.39
C ASN A 40 -10.29 10.93 -5.48
N SER A 41 -10.16 12.16 -5.95
CA SER A 41 -10.54 13.32 -5.14
C SER A 41 -12.05 13.37 -4.92
N SER A 42 -12.76 12.44 -5.53
CA SER A 42 -14.19 12.29 -5.33
C SER A 42 -14.48 11.38 -4.14
N GLN A 43 -13.45 10.73 -3.60
CA GLN A 43 -13.66 9.75 -2.53
C GLN A 43 -12.97 10.16 -1.22
N GLN A 44 -11.71 10.61 -1.34
CA GLN A 44 -10.84 10.78 -0.17
C GLN A 44 -10.90 9.54 0.72
N THR A 45 -11.35 9.71 1.98
CA THR A 45 -11.47 8.63 2.99
C THR A 45 -10.49 7.48 2.79
N LYS A 46 -9.41 7.46 3.56
CA LYS A 46 -8.38 6.44 3.38
C LYS A 46 -8.96 5.05 3.63
N GLU A 47 -8.82 4.20 2.64
CA GLU A 47 -9.08 2.77 2.79
C GLU A 47 -8.05 2.02 1.99
N TRP A 48 -7.82 0.78 2.35
CA TRP A 48 -6.91 -0.04 1.61
C TRP A 48 -7.38 -0.20 0.18
N ARG A 49 -6.61 0.33 -0.74
CA ARG A 49 -6.94 0.22 -2.13
C ARG A 49 -5.67 -0.07 -2.90
N CYS A 50 -5.82 -0.36 -4.18
CA CYS A 50 -4.66 -0.64 -4.98
C CYS A 50 -4.32 0.61 -5.73
N TYR A 51 -3.11 1.06 -5.57
CA TYR A 51 -2.64 2.21 -6.29
C TYR A 51 -1.37 1.85 -7.00
N ILE A 52 -1.38 1.91 -8.30
CA ILE A 52 -0.16 1.68 -9.03
C ILE A 52 0.79 2.85 -8.80
N GLU A 53 2.10 2.58 -8.91
CA GLU A 53 3.13 3.59 -8.69
C GLU A 53 2.82 4.85 -9.48
N LYS A 54 2.11 4.64 -10.57
CA LYS A 54 1.63 5.68 -11.44
C LYS A 54 0.86 6.75 -10.66
N GLU A 55 0.10 6.30 -9.68
CA GLU A 55 -0.87 7.14 -9.03
C GLU A 55 -0.42 7.58 -7.62
N LEU A 56 0.56 6.90 -7.04
CA LEU A 56 1.10 7.30 -5.75
C LEU A 56 1.99 8.53 -5.90
N ASP A 57 2.33 9.10 -4.77
CA ASP A 57 3.30 10.17 -4.73
C ASP A 57 4.41 9.79 -3.76
N PHE A 58 5.59 9.57 -4.29
CA PHE A 58 6.72 9.18 -3.46
C PHE A 58 7.43 10.39 -2.87
N SER A 59 6.83 11.56 -3.08
CA SER A 59 7.30 12.75 -2.42
C SER A 59 6.55 12.92 -1.12
N LYS A 60 5.56 12.04 -0.94
CA LYS A 60 4.76 12.02 0.26
C LYS A 60 5.19 10.85 1.13
N SER A 61 5.49 11.15 2.37
CA SER A 61 5.64 10.10 3.35
C SER A 61 4.27 9.80 3.93
N GLY A 62 3.81 8.60 3.71
CA GLY A 62 2.42 8.30 3.97
C GLY A 62 2.21 7.32 5.09
N ASP A 63 1.40 7.72 6.05
CA ASP A 63 1.02 6.86 7.16
C ASP A 63 -0.11 5.93 6.73
N GLY A 64 -0.08 5.55 5.45
CA GLY A 64 -1.12 4.70 4.91
C GLY A 64 -0.56 3.37 4.43
N CYS A 65 0.70 3.14 4.74
CA CYS A 65 1.32 1.86 4.47
C CYS A 65 1.13 0.98 5.68
N VAL A 66 1.34 -0.30 5.55
CA VAL A 66 1.40 -1.15 6.70
C VAL A 66 2.80 -1.69 6.84
N ASP A 67 3.20 -1.87 8.06
CA ASP A 67 4.53 -2.37 8.35
C ASP A 67 4.50 -3.89 8.25
N ASP A 68 5.37 -4.59 8.97
CA ASP A 68 5.31 -6.04 8.94
C ASP A 68 4.11 -6.53 9.74
N CYS A 69 3.71 -5.76 10.73
CA CYS A 69 2.48 -6.04 11.45
C CYS A 69 1.42 -5.08 10.95
N GLY A 70 0.14 -5.43 11.08
CA GLY A 70 -0.90 -4.60 10.49
C GLY A 70 -1.17 -3.37 11.31
N SER A 71 -0.22 -2.46 11.25
CA SER A 71 -0.33 -1.14 11.81
C SER A 71 0.21 -0.17 10.79
N MET A 72 -0.58 0.83 10.42
CA MET A 72 -0.20 1.72 9.35
C MET A 72 1.10 2.48 9.66
N THR A 73 2.11 2.17 8.88
CA THR A 73 3.43 2.73 9.04
C THR A 73 3.63 3.88 8.07
N SER A 74 4.45 4.85 8.44
CA SER A 74 4.66 6.01 7.62
C SER A 74 5.79 5.75 6.63
N CYS A 75 5.43 5.49 5.39
CA CYS A 75 6.40 5.16 4.35
C CYS A 75 6.06 5.90 3.07
N ARG A 76 7.05 6.13 2.22
CA ARG A 76 6.87 6.97 1.03
C ARG A 76 6.15 6.23 -0.09
N GLY A 77 5.00 6.76 -0.45
CA GLY A 77 4.27 6.26 -1.59
C GLY A 77 2.81 6.45 -1.39
N SER A 78 2.33 7.66 -1.50
CA SER A 78 0.98 7.96 -1.10
C SER A 78 0.27 8.85 -2.07
N VAL A 79 -1.02 8.61 -2.20
CA VAL A 79 -1.86 9.34 -3.12
C VAL A 79 -2.02 10.78 -2.68
N SER A 80 -1.28 11.67 -3.32
CA SER A 80 -1.33 13.09 -3.00
C SER A 80 -2.60 13.71 -3.55
N GLY A 81 -2.71 13.70 -4.87
CA GLY A 81 -3.93 14.17 -5.50
C GLY A 81 -4.93 13.05 -5.63
N PRO A 82 -5.79 13.13 -6.64
CA PRO A 82 -6.69 12.04 -7.00
C PRO A 82 -5.98 10.86 -7.64
N SER A 83 -6.21 9.67 -7.11
CA SER A 83 -5.74 8.47 -7.76
C SER A 83 -6.83 7.94 -8.67
N THR A 84 -6.48 7.63 -9.90
CA THR A 84 -7.46 7.18 -10.86
C THR A 84 -7.33 5.68 -11.08
N SER A 85 -6.10 5.27 -11.39
CA SER A 85 -5.80 3.86 -11.57
C SER A 85 -5.75 3.17 -10.21
N HIS A 86 -6.90 2.77 -9.69
CA HIS A 86 -6.98 2.24 -8.35
C HIS A 86 -8.17 1.29 -8.16
N LEU A 87 -8.04 0.42 -7.16
CA LEU A 87 -9.06 -0.59 -6.86
C LEU A 87 -9.33 -0.64 -5.37
N THR A 88 -10.56 -0.35 -4.96
CA THR A 88 -10.89 -0.41 -3.55
C THR A 88 -11.11 -1.85 -3.10
N ARG A 89 -10.05 -2.46 -2.60
CA ARG A 89 -10.19 -3.77 -1.98
C ARG A 89 -9.62 -3.70 -0.56
N PRO A 90 -10.25 -2.92 0.33
CA PRO A 90 -9.72 -2.69 1.67
C PRO A 90 -9.91 -3.88 2.59
N SER A 91 -11.02 -4.57 2.43
CA SER A 91 -11.29 -5.77 3.22
C SER A 91 -10.32 -6.88 2.83
N GLU A 92 -9.80 -6.79 1.61
CA GLU A 92 -8.94 -7.82 1.06
C GLU A 92 -7.46 -7.53 1.35
N LEU A 93 -7.08 -6.24 1.35
CA LEU A 93 -5.73 -5.85 1.73
C LEU A 93 -5.47 -6.17 3.20
N GLN A 94 -6.36 -5.69 4.06
CA GLN A 94 -6.21 -5.86 5.50
C GLN A 94 -6.31 -7.34 5.85
N ALA A 95 -6.79 -8.11 4.89
CA ALA A 95 -6.94 -9.54 5.02
C ALA A 95 -5.61 -10.24 4.92
N VAL A 96 -4.83 -9.92 3.91
CA VAL A 96 -3.52 -10.50 3.74
C VAL A 96 -2.60 -9.92 4.79
N ILE A 97 -2.94 -8.75 5.28
CA ILE A 97 -2.27 -8.25 6.45
C ILE A 97 -2.48 -9.25 7.56
N ASP A 98 -3.73 -9.47 7.90
CA ASP A 98 -4.09 -10.44 8.91
C ASP A 98 -3.58 -11.84 8.59
N SER A 99 -3.64 -12.22 7.33
CA SER A 99 -3.22 -13.54 6.89
C SER A 99 -1.71 -13.66 6.86
N ASP A 100 -1.05 -12.79 6.09
CA ASP A 100 0.39 -12.82 5.94
C ASP A 100 1.11 -12.31 7.17
N LYS A 101 0.40 -11.74 8.13
CA LYS A 101 1.00 -11.41 9.43
C LYS A 101 1.62 -12.66 10.06
N SER A 102 1.14 -13.82 9.64
CA SER A 102 1.75 -15.08 10.04
C SER A 102 3.14 -15.21 9.41
N ASN A 103 3.31 -14.56 8.27
CA ASN A 103 4.57 -14.55 7.55
C ASN A 103 5.45 -13.41 8.04
N TYR A 104 4.81 -12.30 8.38
CA TYR A 104 5.50 -11.14 8.91
C TYR A 104 4.60 -10.46 9.92
N CYS A 105 5.07 -10.36 11.16
CA CYS A 105 4.38 -9.57 12.17
C CYS A 105 5.27 -9.34 13.39
N THR A 106 5.21 -8.13 13.89
CA THR A 106 5.87 -7.75 15.12
C THR A 106 4.88 -7.67 16.27
N ASP A 107 5.38 -7.82 17.49
CA ASP A 107 4.52 -7.76 18.68
C ASP A 107 4.33 -6.32 19.12
N LYS A 108 5.36 -5.49 18.98
CA LYS A 108 5.24 -4.08 19.30
C LYS A 108 5.20 -3.24 18.02
N SER A 109 5.41 -3.91 16.90
CA SER A 109 5.59 -3.27 15.60
C SER A 109 6.58 -2.12 15.67
N GLU A 110 7.84 -2.45 15.40
CA GLU A 110 8.90 -1.47 15.43
C GLU A 110 8.60 -0.39 14.39
N GLN A 111 8.17 -0.86 13.22
CA GLN A 111 7.71 -0.04 12.11
C GLN A 111 8.79 0.87 11.53
N GLN A 112 8.65 1.16 10.24
CA GLN A 112 9.56 2.05 9.53
C GLN A 112 8.87 3.37 9.24
N PRO A 113 8.96 4.34 10.16
CA PRO A 113 8.30 5.62 10.03
C PRO A 113 9.16 6.68 9.35
N SER A 114 8.51 7.56 8.60
CA SER A 114 9.14 8.70 7.99
C SER A 114 8.29 9.93 8.23
N GLN A 115 8.91 11.03 8.61
CA GLN A 115 8.19 12.22 9.00
C GLN A 115 7.71 13.00 7.77
N ALA A 116 6.65 13.77 7.95
CA ALA A 116 6.09 14.56 6.87
C ALA A 116 5.94 16.02 7.29
N THR A 117 6.57 16.90 6.53
CA THR A 117 6.50 18.34 6.77
C THR A 117 7.10 18.71 8.13
N PRO A 118 8.42 18.96 8.17
CA PRO A 118 9.09 19.40 9.39
C PRO A 118 8.67 20.82 9.77
N PRO A 119 8.49 21.08 11.08
CA PRO A 119 8.08 22.39 11.57
C PRO A 119 9.22 23.40 11.54
N PRO A 120 8.90 24.71 11.54
CA PRO A 120 9.92 25.77 11.53
C PRO A 120 10.91 25.61 12.69
N GLU A 121 10.39 25.39 13.89
CA GLU A 121 11.22 25.12 15.05
C GLU A 121 11.73 23.69 15.01
N ILE A 122 12.82 23.49 14.27
CA ILE A 122 13.39 22.17 14.07
C ILE A 122 13.96 21.61 15.37
N PRO A 123 13.46 20.44 15.80
CA PRO A 123 13.97 19.74 16.99
C PRO A 123 15.38 19.23 16.77
N ALA A 1 6.52 -12.18 -1.35
CA ALA A 1 6.82 -10.87 -0.73
C ALA A 1 7.61 -11.05 0.56
N PRO A 2 8.62 -10.21 0.75
CA PRO A 2 9.49 -10.25 1.93
C PRO A 2 8.85 -9.63 3.16
N THR A 3 7.91 -8.73 2.94
CA THR A 3 7.31 -7.99 4.03
C THR A 3 5.79 -7.95 3.87
N LEU A 4 5.08 -7.69 4.96
CA LEU A 4 3.62 -7.78 4.95
C LEU A 4 3.00 -6.82 3.94
N GLN A 5 3.56 -5.62 3.84
CA GLN A 5 3.02 -4.64 2.92
C GLN A 5 3.24 -5.05 1.47
N GLU A 6 4.31 -5.78 1.18
CA GLU A 6 4.51 -6.24 -0.18
C GLU A 6 3.56 -7.39 -0.47
N ALA A 7 3.11 -8.06 0.59
CA ALA A 7 2.07 -9.06 0.45
C ALA A 7 0.76 -8.37 0.10
N LEU A 8 0.67 -7.11 0.51
CA LEU A 8 -0.43 -6.26 0.11
C LEU A 8 -0.27 -5.85 -1.34
N ASP A 9 0.92 -5.35 -1.67
CA ASP A 9 1.28 -4.96 -3.03
C ASP A 9 1.08 -6.15 -3.98
N ARG A 10 1.10 -7.34 -3.40
CA ARG A 10 0.95 -8.58 -4.12
C ARG A 10 -0.54 -8.89 -4.30
N LYS A 11 -1.32 -8.53 -3.30
CA LYS A 11 -2.77 -8.59 -3.39
C LYS A 11 -3.21 -7.57 -4.43
N CYS A 12 -2.58 -6.41 -4.32
CA CYS A 12 -2.75 -5.30 -5.25
C CYS A 12 -2.42 -5.73 -6.68
N ALA A 13 -1.46 -6.61 -6.83
CA ALA A 13 -1.05 -7.10 -8.13
C ALA A 13 -2.10 -8.03 -8.70
N GLN A 14 -2.79 -8.73 -7.80
CA GLN A 14 -3.81 -9.69 -8.18
C GLN A 14 -5.08 -8.99 -8.66
N PHE A 15 -5.27 -7.76 -8.22
CA PHE A 15 -6.38 -6.94 -8.64
C PHE A 15 -5.96 -5.99 -9.76
N GLY A 16 -4.97 -5.16 -9.45
CA GLY A 16 -4.51 -4.15 -10.39
C GLY A 16 -4.15 -4.73 -11.73
N LYS A 17 -3.18 -5.62 -11.73
CA LYS A 17 -2.66 -6.15 -12.97
C LYS A 17 -3.64 -7.12 -13.59
N GLU A 18 -4.59 -7.58 -12.79
CA GLU A 18 -5.72 -8.35 -13.32
C GLU A 18 -6.54 -7.46 -14.25
N SER A 19 -6.74 -6.21 -13.83
CA SER A 19 -7.33 -5.20 -14.69
C SER A 19 -6.46 -5.00 -15.92
N CYS A 20 -5.15 -4.95 -15.70
CA CYS A 20 -4.18 -4.84 -16.78
C CYS A 20 -4.30 -6.02 -17.74
N ASN A 21 -4.53 -7.21 -17.19
CA ASN A 21 -4.67 -8.43 -17.98
C ASN A 21 -5.92 -8.38 -18.84
N SER A 22 -6.99 -7.81 -18.30
CA SER A 22 -8.24 -7.75 -19.04
C SER A 22 -8.22 -6.63 -20.09
N GLY A 23 -7.46 -5.56 -19.83
CA GLY A 23 -7.34 -4.52 -20.83
C GLY A 23 -6.98 -3.15 -20.28
N LEU A 24 -6.83 -3.06 -18.97
CA LEU A 24 -6.45 -1.79 -18.35
C LEU A 24 -5.00 -1.47 -18.62
N ALA A 25 -4.79 -0.43 -19.40
CA ALA A 25 -3.46 -0.03 -19.84
C ALA A 25 -2.65 0.58 -18.72
N SER A 26 -3.33 1.05 -17.68
CA SER A 26 -2.67 1.71 -16.56
C SER A 26 -1.81 0.73 -15.77
N TYR A 27 -2.38 -0.39 -15.33
CA TYR A 27 -1.64 -1.39 -14.56
C TYR A 27 -0.69 -2.16 -15.46
N CYS A 28 -0.84 -1.97 -16.77
CA CYS A 28 -0.03 -2.68 -17.74
C CYS A 28 1.39 -2.12 -17.73
N GLY A 29 2.35 -2.95 -17.29
CA GLY A 29 3.71 -2.50 -17.15
C GLY A 29 3.87 -1.52 -16.01
N ALA A 30 2.98 -1.63 -15.03
CA ALA A 30 2.95 -0.73 -13.90
C ALA A 30 3.37 -1.44 -12.63
N ALA A 31 3.67 -0.65 -11.61
CA ALA A 31 3.96 -1.15 -10.29
C ALA A 31 2.81 -0.81 -9.37
N ILE A 32 2.04 -1.80 -8.94
CA ILE A 32 0.89 -1.48 -8.11
C ILE A 32 1.21 -1.74 -6.64
N TYR A 33 0.78 -0.82 -5.79
CA TYR A 33 1.13 -0.85 -4.38
C TYR A 33 -0.12 -0.72 -3.53
N ALA A 34 -0.02 -1.21 -2.30
CA ALA A 34 -1.08 -1.06 -1.33
C ALA A 34 -0.88 0.20 -0.55
N ARG A 35 -1.82 1.10 -0.63
CA ARG A 35 -1.74 2.31 0.16
C ARG A 35 -3.10 2.60 0.77
N TYR A 36 -3.12 2.61 2.09
CA TYR A 36 -4.29 3.03 2.84
C TYR A 36 -4.35 4.55 2.74
N ASP A 37 -4.96 5.03 1.68
CA ASP A 37 -4.98 6.45 1.39
C ASP A 37 -6.25 6.80 0.62
N LYS A 38 -6.30 7.99 0.07
CA LYS A 38 -7.47 8.41 -0.68
C LYS A 38 -7.47 7.78 -2.06
N GLY A 39 -8.66 7.51 -2.58
CA GLY A 39 -8.79 7.03 -3.93
C GLY A 39 -9.10 8.15 -4.88
N ASN A 40 -10.21 8.05 -5.58
CA ASN A 40 -10.70 9.16 -6.40
C ASN A 40 -11.11 10.30 -5.46
N SER A 41 -11.38 11.48 -6.01
CA SER A 41 -11.63 12.69 -5.21
C SER A 41 -12.66 12.47 -4.10
N SER A 42 -13.75 11.77 -4.40
CA SER A 42 -14.79 11.53 -3.42
C SER A 42 -14.36 10.49 -2.37
N GLN A 43 -13.36 9.70 -2.74
CA GLN A 43 -12.89 8.60 -1.91
C GLN A 43 -11.71 9.05 -1.04
N GLN A 44 -11.68 10.33 -0.70
CA GLN A 44 -10.61 10.90 0.11
C GLN A 44 -10.54 10.33 1.53
N THR A 45 -11.49 9.50 1.90
CA THR A 45 -11.42 8.83 3.18
C THR A 45 -10.64 7.53 3.01
N LYS A 46 -9.54 7.41 3.74
CA LYS A 46 -8.58 6.35 3.50
C LYS A 46 -9.17 4.98 3.70
N GLU A 47 -8.93 4.14 2.71
CA GLU A 47 -9.17 2.71 2.80
C GLU A 47 -8.10 2.01 2.02
N TRP A 48 -7.82 0.78 2.40
CA TRP A 48 -6.85 -0.01 1.67
C TRP A 48 -7.29 -0.14 0.22
N ARG A 49 -6.56 0.46 -0.65
CA ARG A 49 -6.85 0.39 -2.05
C ARG A 49 -5.59 0.04 -2.80
N CYS A 50 -5.74 -0.40 -4.02
CA CYS A 50 -4.60 -0.76 -4.79
C CYS A 50 -4.31 0.39 -5.72
N TYR A 51 -3.13 0.94 -5.58
CA TYR A 51 -2.73 2.10 -6.33
C TYR A 51 -1.48 1.78 -7.10
N ILE A 52 -1.50 1.92 -8.40
CA ILE A 52 -0.29 1.77 -9.14
C ILE A 52 0.62 2.96 -8.91
N GLU A 53 1.92 2.75 -9.08
CA GLU A 53 2.93 3.78 -8.84
C GLU A 53 2.59 5.05 -9.62
N LYS A 54 1.83 4.87 -10.69
CA LYS A 54 1.29 5.97 -11.46
C LYS A 54 0.52 6.95 -10.58
N GLU A 55 -0.22 6.39 -9.64
CA GLU A 55 -1.20 7.15 -8.89
C GLU A 55 -0.70 7.58 -7.51
N LEU A 56 0.36 6.94 -7.02
CA LEU A 56 0.96 7.34 -5.76
C LEU A 56 1.85 8.56 -5.95
N ASP A 57 2.32 9.07 -4.84
CA ASP A 57 3.30 10.14 -4.83
C ASP A 57 4.41 9.79 -3.85
N PHE A 58 5.62 9.66 -4.35
CA PHE A 58 6.76 9.36 -3.50
C PHE A 58 7.38 10.62 -2.93
N SER A 59 6.74 11.75 -3.22
CA SER A 59 7.08 13.01 -2.57
C SER A 59 6.18 13.13 -1.35
N LYS A 60 5.34 12.12 -1.19
CA LYS A 60 4.48 11.98 -0.06
C LYS A 60 5.02 10.89 0.85
N SER A 61 5.21 11.20 2.11
CA SER A 61 5.47 10.15 3.07
C SER A 61 4.12 9.67 3.58
N GLY A 62 3.84 8.42 3.28
CA GLY A 62 2.50 7.92 3.47
C GLY A 62 2.33 7.17 4.76
N ASP A 63 1.53 7.74 5.64
CA ASP A 63 1.15 7.10 6.89
C ASP A 63 0.00 6.13 6.65
N GLY A 64 -0.01 5.56 5.47
CA GLY A 64 -1.10 4.69 5.06
C GLY A 64 -0.57 3.36 4.56
N CYS A 65 0.62 3.04 4.97
CA CYS A 65 1.21 1.75 4.68
C CYS A 65 1.08 0.89 5.91
N VAL A 66 1.40 -0.37 5.81
CA VAL A 66 1.43 -1.22 6.98
C VAL A 66 2.82 -1.78 7.12
N ASP A 67 3.21 -2.01 8.36
CA ASP A 67 4.51 -2.56 8.68
C ASP A 67 4.45 -4.07 8.44
N ASP A 68 5.31 -4.84 9.05
CA ASP A 68 5.17 -6.30 8.93
C ASP A 68 4.02 -6.72 9.80
N CYS A 69 3.80 -6.00 10.88
CA CYS A 69 2.61 -6.20 11.69
C CYS A 69 1.54 -5.24 11.18
N GLY A 70 0.27 -5.62 11.28
CA GLY A 70 -0.79 -4.75 10.80
C GLY A 70 -0.97 -3.53 11.67
N SER A 71 -0.01 -2.64 11.56
CA SER A 71 -0.09 -1.30 12.10
C SER A 71 0.46 -0.37 11.03
N MET A 72 -0.17 0.76 10.83
CA MET A 72 0.20 1.62 9.72
C MET A 72 1.57 2.24 9.92
N THR A 73 2.46 1.96 8.98
CA THR A 73 3.80 2.49 8.99
C THR A 73 3.90 3.63 7.97
N SER A 74 4.80 4.57 8.22
CA SER A 74 4.97 5.71 7.34
C SER A 74 6.04 5.43 6.28
N CYS A 75 5.60 5.30 5.04
CA CYS A 75 6.52 5.02 3.93
C CYS A 75 6.10 5.82 2.71
N ARG A 76 7.06 6.13 1.85
CA ARG A 76 6.82 7.06 0.74
C ARG A 76 6.09 6.39 -0.39
N GLY A 77 4.92 6.92 -0.69
CA GLY A 77 4.14 6.42 -1.79
C GLY A 77 2.68 6.60 -1.52
N SER A 78 2.19 7.81 -1.61
CA SER A 78 0.83 8.07 -1.20
C SER A 78 0.10 8.98 -2.15
N VAL A 79 -1.19 8.72 -2.26
CA VAL A 79 -2.05 9.40 -3.18
C VAL A 79 -2.29 10.84 -2.75
N SER A 80 -1.56 11.77 -3.37
CA SER A 80 -1.70 13.18 -3.07
C SER A 80 -2.99 13.73 -3.68
N GLY A 81 -3.08 13.67 -5.00
CA GLY A 81 -4.32 14.03 -5.67
C GLY A 81 -5.12 12.81 -6.01
N PRO A 82 -6.39 12.98 -6.38
CA PRO A 82 -7.31 11.87 -6.70
C PRO A 82 -6.70 10.79 -7.59
N SER A 83 -6.68 9.57 -7.07
CA SER A 83 -6.18 8.42 -7.80
C SER A 83 -7.29 7.85 -8.68
N THR A 84 -6.96 7.56 -9.92
CA THR A 84 -7.92 7.00 -10.83
C THR A 84 -7.61 5.53 -11.07
N SER A 85 -6.36 5.24 -11.39
CA SER A 85 -5.94 3.87 -11.61
C SER A 85 -5.79 3.15 -10.28
N HIS A 86 -6.90 2.61 -9.76
CA HIS A 86 -6.89 2.03 -8.43
C HIS A 86 -8.05 1.08 -8.21
N LEU A 87 -7.91 0.21 -7.23
CA LEU A 87 -8.96 -0.73 -6.86
C LEU A 87 -9.18 -0.68 -5.35
N THR A 88 -10.38 -0.33 -4.92
CA THR A 88 -10.68 -0.30 -3.51
C THR A 88 -11.00 -1.69 -3.02
N ARG A 89 -9.98 -2.39 -2.55
CA ARG A 89 -10.21 -3.67 -1.88
C ARG A 89 -9.63 -3.62 -0.49
N PRO A 90 -10.22 -2.81 0.40
CA PRO A 90 -9.69 -2.60 1.74
C PRO A 90 -9.92 -3.82 2.63
N SER A 91 -11.00 -4.53 2.34
CA SER A 91 -11.29 -5.78 3.02
C SER A 91 -10.23 -6.82 2.68
N GLU A 92 -9.76 -6.78 1.45
CA GLU A 92 -8.85 -7.78 0.94
C GLU A 92 -7.40 -7.49 1.31
N LEU A 93 -7.01 -6.22 1.29
CA LEU A 93 -5.67 -5.84 1.74
C LEU A 93 -5.48 -6.20 3.20
N GLN A 94 -6.38 -5.74 4.05
CA GLN A 94 -6.24 -5.93 5.49
C GLN A 94 -6.36 -7.40 5.82
N ALA A 95 -6.94 -8.15 4.90
CA ALA A 95 -7.06 -9.59 5.02
C ALA A 95 -5.71 -10.26 4.97
N VAL A 96 -4.87 -9.85 4.02
CA VAL A 96 -3.54 -10.43 3.91
C VAL A 96 -2.64 -9.83 4.97
N ILE A 97 -2.96 -8.63 5.42
CA ILE A 97 -2.32 -8.11 6.60
C ILE A 97 -2.56 -9.08 7.73
N ASP A 98 -3.83 -9.20 8.10
CA ASP A 98 -4.27 -10.11 9.15
C ASP A 98 -3.77 -11.54 8.91
N SER A 99 -3.70 -11.94 7.65
CA SER A 99 -3.31 -13.31 7.28
C SER A 99 -1.79 -13.47 7.18
N ASP A 100 -1.17 -12.71 6.29
CA ASP A 100 0.26 -12.80 6.05
C ASP A 100 1.07 -12.33 7.25
N LYS A 101 0.42 -11.74 8.24
CA LYS A 101 1.08 -11.44 9.52
C LYS A 101 1.76 -12.69 10.08
N SER A 102 1.23 -13.84 9.74
CA SER A 102 1.82 -15.11 10.14
C SER A 102 3.15 -15.31 9.41
N ASN A 103 3.33 -14.56 8.33
CA ASN A 103 4.56 -14.58 7.54
C ASN A 103 5.45 -13.42 7.97
N TYR A 104 4.82 -12.32 8.34
CA TYR A 104 5.51 -11.11 8.79
C TYR A 104 4.68 -10.46 9.85
N CYS A 105 5.22 -10.26 11.02
CA CYS A 105 4.58 -9.43 12.01
C CYS A 105 5.58 -9.03 13.06
N THR A 106 5.72 -7.73 13.25
CA THR A 106 6.64 -7.19 14.23
C THR A 106 5.99 -7.15 15.60
N ASP A 107 6.74 -7.55 16.61
CA ASP A 107 6.25 -7.52 17.98
C ASP A 107 6.28 -6.10 18.51
N LYS A 108 5.31 -5.32 18.05
CA LYS A 108 5.25 -3.89 18.29
C LYS A 108 6.43 -3.20 17.61
N SER A 109 7.44 -2.78 18.40
CA SER A 109 8.49 -1.91 17.90
C SER A 109 7.90 -0.66 17.24
N GLU A 110 6.62 -0.43 17.54
CA GLU A 110 5.80 0.59 16.90
C GLU A 110 5.72 0.33 15.39
N GLN A 111 6.72 0.79 14.65
CA GLN A 111 6.87 0.44 13.24
C GLN A 111 8.22 0.95 12.75
N GLN A 112 8.72 0.40 11.66
CA GLN A 112 10.06 0.75 11.20
C GLN A 112 10.02 1.72 10.02
N PRO A 113 10.37 2.99 10.27
CA PRO A 113 10.53 4.00 9.23
C PRO A 113 11.86 3.82 8.49
N SER A 114 12.00 4.48 7.36
CA SER A 114 13.18 4.32 6.54
C SER A 114 14.31 5.23 7.02
N GLN A 115 15.10 4.72 7.96
CA GLN A 115 16.26 5.44 8.46
C GLN A 115 17.45 4.49 8.51
N ALA A 116 17.90 4.07 7.32
CA ALA A 116 18.95 3.06 7.15
C ALA A 116 18.46 1.67 7.59
N THR A 117 19.04 0.65 6.98
CA THR A 117 18.68 -0.73 7.25
C THR A 117 17.22 -1.00 6.85
N PRO A 118 16.95 -1.11 5.54
CA PRO A 118 15.61 -1.43 5.02
C PRO A 118 15.05 -2.76 5.59
N PRO A 119 15.79 -3.89 5.49
CA PRO A 119 15.37 -5.14 6.13
C PRO A 119 15.77 -5.17 7.60
N PRO A 120 14.78 -5.21 8.51
CA PRO A 120 15.03 -5.17 9.96
C PRO A 120 15.93 -6.31 10.44
N GLU A 121 15.92 -7.41 9.70
CA GLU A 121 16.75 -8.56 10.02
C GLU A 121 17.21 -9.26 8.75
N ILE A 122 18.44 -9.74 8.77
CA ILE A 122 19.02 -10.43 7.61
C ILE A 122 19.35 -11.88 7.96
N PRO A 123 18.41 -12.80 7.70
CA PRO A 123 18.60 -14.23 7.94
C PRO A 123 19.43 -14.89 6.84
N ALA A 1 6.13 -12.65 -0.55
CA ALA A 1 6.59 -11.30 -0.16
C ALA A 1 7.54 -11.39 1.02
N PRO A 2 8.50 -10.47 1.09
CA PRO A 2 9.44 -10.37 2.19
C PRO A 2 8.83 -9.74 3.41
N THR A 3 7.91 -8.81 3.19
CA THR A 3 7.26 -8.11 4.26
C THR A 3 5.76 -8.09 4.08
N LEU A 4 5.03 -7.69 5.11
CA LEU A 4 3.59 -7.80 5.08
C LEU A 4 2.97 -6.90 4.02
N GLN A 5 3.53 -5.72 3.82
CA GLN A 5 2.97 -4.82 2.84
C GLN A 5 3.14 -5.34 1.41
N GLU A 6 4.25 -6.03 1.12
CA GLU A 6 4.43 -6.54 -0.23
C GLU A 6 3.41 -7.64 -0.49
N ALA A 7 2.95 -8.29 0.57
CA ALA A 7 1.87 -9.27 0.45
C ALA A 7 0.59 -8.54 0.05
N LEU A 8 0.52 -7.28 0.41
CA LEU A 8 -0.57 -6.42 -0.02
C LEU A 8 -0.37 -6.02 -1.47
N ASP A 9 0.84 -5.56 -1.77
CA ASP A 9 1.23 -5.15 -3.12
C ASP A 9 1.06 -6.33 -4.08
N ARG A 10 1.19 -7.52 -3.53
CA ARG A 10 1.03 -8.76 -4.26
C ARG A 10 -0.45 -9.08 -4.47
N LYS A 11 -1.26 -8.74 -3.49
CA LYS A 11 -2.70 -8.84 -3.64
C LYS A 11 -3.12 -7.78 -4.67
N CYS A 12 -2.44 -6.64 -4.57
CA CYS A 12 -2.59 -5.52 -5.49
C CYS A 12 -2.28 -5.91 -6.92
N ALA A 13 -1.29 -6.77 -7.09
CA ALA A 13 -0.89 -7.22 -8.42
C ALA A 13 -1.93 -8.15 -9.01
N GLN A 14 -2.56 -8.93 -8.12
CA GLN A 14 -3.56 -9.90 -8.52
C GLN A 14 -4.82 -9.23 -9.03
N PHE A 15 -5.06 -8.02 -8.55
CA PHE A 15 -6.21 -7.23 -8.95
C PHE A 15 -5.82 -6.22 -10.01
N GLY A 16 -4.85 -5.38 -9.67
CA GLY A 16 -4.40 -4.32 -10.54
C GLY A 16 -4.05 -4.84 -11.92
N LYS A 17 -3.14 -5.78 -11.97
CA LYS A 17 -2.63 -6.26 -13.23
C LYS A 17 -3.63 -7.23 -13.85
N GLU A 18 -4.55 -7.71 -13.04
CA GLU A 18 -5.71 -8.42 -13.58
C GLU A 18 -6.54 -7.47 -14.42
N SER A 19 -6.70 -6.25 -13.94
CA SER A 19 -7.33 -5.19 -14.71
C SER A 19 -6.50 -4.92 -15.97
N CYS A 20 -5.19 -4.90 -15.79
CA CYS A 20 -4.26 -4.75 -16.89
C CYS A 20 -4.40 -5.89 -17.88
N ASN A 21 -4.60 -7.10 -17.35
CA ASN A 21 -4.84 -8.29 -18.17
C ASN A 21 -6.18 -8.21 -18.88
N SER A 22 -7.10 -7.47 -18.29
CA SER A 22 -8.42 -7.26 -18.88
C SER A 22 -8.34 -6.22 -20.00
N GLY A 23 -7.38 -5.30 -19.89
CA GLY A 23 -7.20 -4.30 -20.91
C GLY A 23 -6.92 -2.93 -20.34
N LEU A 24 -6.77 -2.84 -19.02
CA LEU A 24 -6.44 -1.58 -18.38
C LEU A 24 -4.99 -1.21 -18.65
N ALA A 25 -4.83 -0.13 -19.41
CA ALA A 25 -3.51 0.31 -19.85
C ALA A 25 -2.73 0.94 -18.72
N SER A 26 -3.42 1.21 -17.62
CA SER A 26 -2.80 1.83 -16.47
C SER A 26 -1.89 0.85 -15.72
N TYR A 27 -2.46 -0.26 -15.24
CA TYR A 27 -1.69 -1.25 -14.50
C TYR A 27 -0.71 -1.96 -15.43
N CYS A 28 -0.97 -1.89 -16.73
CA CYS A 28 -0.13 -2.52 -17.73
C CYS A 28 1.26 -1.89 -17.76
N GLY A 29 2.26 -2.66 -17.38
CA GLY A 29 3.63 -2.14 -17.35
C GLY A 29 3.88 -1.27 -16.14
N ALA A 30 2.91 -1.23 -15.25
CA ALA A 30 2.98 -0.40 -14.06
C ALA A 30 3.34 -1.22 -12.85
N ALA A 31 3.73 -0.53 -11.80
CA ALA A 31 3.90 -1.10 -10.48
C ALA A 31 2.66 -0.78 -9.68
N ILE A 32 2.10 -1.73 -8.95
CA ILE A 32 0.94 -1.42 -8.14
C ILE A 32 1.25 -1.68 -6.67
N TYR A 33 0.80 -0.77 -5.83
CA TYR A 33 1.14 -0.82 -4.43
C TYR A 33 -0.10 -0.68 -3.56
N ALA A 34 0.01 -1.18 -2.34
CA ALA A 34 -1.05 -1.07 -1.37
C ALA A 34 -0.86 0.19 -0.57
N ARG A 35 -1.76 1.13 -0.72
CA ARG A 35 -1.69 2.32 0.07
C ARG A 35 -3.02 2.59 0.74
N TYR A 36 -3.01 2.57 2.07
CA TYR A 36 -4.16 2.95 2.86
C TYR A 36 -4.28 4.45 2.78
N ASP A 37 -4.81 4.94 1.68
CA ASP A 37 -4.83 6.37 1.42
C ASP A 37 -6.11 6.75 0.72
N LYS A 38 -6.21 8.01 0.37
CA LYS A 38 -7.37 8.53 -0.30
C LYS A 38 -7.37 8.07 -1.75
N GLY A 39 -8.54 8.08 -2.36
CA GLY A 39 -8.67 7.65 -3.74
C GLY A 39 -8.93 8.80 -4.69
N ASN A 40 -10.01 8.71 -5.44
CA ASN A 40 -10.38 9.77 -6.38
C ASN A 40 -11.19 10.82 -5.64
N SER A 41 -11.76 11.79 -6.37
CA SER A 41 -12.48 12.90 -5.75
C SER A 41 -13.63 12.42 -4.85
N SER A 42 -14.51 11.61 -5.40
CA SER A 42 -15.67 11.10 -4.65
C SER A 42 -15.27 9.93 -3.76
N GLN A 43 -14.03 9.49 -3.92
CA GLN A 43 -13.52 8.32 -3.23
C GLN A 43 -12.55 8.71 -2.12
N GLN A 44 -12.77 9.87 -1.52
CA GLN A 44 -11.86 10.37 -0.48
C GLN A 44 -11.85 9.44 0.76
N THR A 45 -11.17 9.89 1.83
CA THR A 45 -10.92 9.11 3.05
C THR A 45 -10.08 7.87 2.76
N LYS A 46 -9.15 7.57 3.66
CA LYS A 46 -8.20 6.49 3.42
C LYS A 46 -8.80 5.12 3.70
N GLU A 47 -8.61 4.23 2.74
CA GLU A 47 -8.88 2.81 2.89
C GLU A 47 -7.87 2.06 2.10
N TRP A 48 -7.67 0.82 2.46
CA TRP A 48 -6.75 -0.02 1.74
C TRP A 48 -7.21 -0.21 0.31
N ARG A 49 -6.44 0.31 -0.61
CA ARG A 49 -6.77 0.18 -2.01
C ARG A 49 -5.51 -0.13 -2.78
N CYS A 50 -5.66 -0.46 -4.05
CA CYS A 50 -4.51 -0.69 -4.89
C CYS A 50 -4.28 0.58 -5.67
N TYR A 51 -3.11 1.13 -5.53
CA TYR A 51 -2.74 2.28 -6.29
C TYR A 51 -1.49 1.94 -7.04
N ILE A 52 -1.54 1.97 -8.35
CA ILE A 52 -0.34 1.77 -9.12
C ILE A 52 0.59 2.94 -8.90
N GLU A 53 1.89 2.71 -9.04
CA GLU A 53 2.89 3.75 -8.80
C GLU A 53 2.51 5.05 -9.50
N LYS A 54 1.83 4.89 -10.63
CA LYS A 54 1.23 6.01 -11.37
C LYS A 54 0.47 6.97 -10.45
N GLU A 55 -0.33 6.38 -9.59
CA GLU A 55 -1.37 7.09 -8.87
C GLU A 55 -0.90 7.61 -7.52
N LEU A 56 0.26 7.12 -7.07
CA LEU A 56 0.83 7.58 -5.82
C LEU A 56 1.67 8.82 -6.04
N ASP A 57 2.11 9.37 -4.94
CA ASP A 57 3.05 10.48 -4.96
C ASP A 57 4.15 10.20 -3.97
N PHE A 58 5.37 10.09 -4.45
CA PHE A 58 6.50 9.77 -3.58
C PHE A 58 7.09 11.02 -2.96
N SER A 59 6.46 12.15 -3.22
CA SER A 59 6.82 13.38 -2.54
C SER A 59 5.90 13.51 -1.33
N LYS A 60 4.99 12.55 -1.23
CA LYS A 60 4.17 12.39 -0.06
C LYS A 60 4.68 11.19 0.72
N SER A 61 4.96 11.37 1.98
CA SER A 61 5.31 10.24 2.81
C SER A 61 4.01 9.64 3.35
N GLY A 62 3.85 8.36 3.12
CA GLY A 62 2.58 7.73 3.41
C GLY A 62 2.56 7.01 4.73
N ASP A 63 1.78 7.54 5.66
CA ASP A 63 1.51 6.85 6.91
C ASP A 63 0.37 5.88 6.68
N GLY A 64 0.25 5.43 5.43
CA GLY A 64 -0.84 4.59 5.01
C GLY A 64 -0.36 3.25 4.51
N CYS A 65 0.84 2.89 4.88
CA CYS A 65 1.38 1.58 4.58
C CYS A 65 1.15 0.70 5.79
N VAL A 66 1.69 -0.49 5.76
CA VAL A 66 1.65 -1.33 6.94
C VAL A 66 3.03 -1.93 7.16
N ASP A 67 3.36 -2.09 8.42
CA ASP A 67 4.66 -2.56 8.84
C ASP A 67 4.67 -4.08 8.74
N ASP A 68 5.48 -4.75 9.54
CA ASP A 68 5.43 -6.21 9.57
C ASP A 68 4.10 -6.67 10.14
N CYS A 69 3.67 -6.06 11.23
CA CYS A 69 2.36 -6.32 11.79
C CYS A 69 1.37 -5.32 11.19
N GLY A 70 0.08 -5.59 11.30
CA GLY A 70 -0.91 -4.72 10.70
C GLY A 70 -1.07 -3.44 11.47
N SER A 71 -0.07 -2.60 11.35
CA SER A 71 -0.07 -1.26 11.91
C SER A 71 0.49 -0.34 10.84
N MET A 72 -0.27 0.70 10.51
CA MET A 72 0.14 1.60 9.44
C MET A 72 1.49 2.25 9.71
N THR A 73 2.43 1.98 8.80
CA THR A 73 3.78 2.49 8.91
C THR A 73 4.02 3.56 7.85
N SER A 74 4.97 4.45 8.10
CA SER A 74 5.21 5.58 7.22
C SER A 74 6.28 5.27 6.17
N CYS A 75 5.86 5.30 4.92
CA CYS A 75 6.75 5.08 3.79
C CYS A 75 6.24 5.87 2.59
N ARG A 76 7.16 6.34 1.77
CA ARG A 76 6.81 7.28 0.70
C ARG A 76 6.07 6.61 -0.43
N GLY A 77 4.90 7.14 -0.74
CA GLY A 77 4.10 6.64 -1.84
C GLY A 77 2.64 6.82 -1.57
N SER A 78 2.15 8.02 -1.71
CA SER A 78 0.79 8.29 -1.30
C SER A 78 0.04 9.19 -2.25
N VAL A 79 -1.26 8.92 -2.29
CA VAL A 79 -2.18 9.61 -3.16
C VAL A 79 -2.26 11.11 -2.84
N SER A 80 -1.63 11.91 -3.70
CA SER A 80 -1.64 13.35 -3.53
C SER A 80 -2.94 13.95 -4.05
N GLY A 81 -3.18 13.79 -5.34
CA GLY A 81 -4.44 14.22 -5.92
C GLY A 81 -5.42 13.09 -5.98
N PRO A 82 -6.41 13.17 -6.85
CA PRO A 82 -7.31 12.06 -7.13
C PRO A 82 -6.62 10.92 -7.90
N SER A 83 -6.59 9.75 -7.31
CA SER A 83 -6.07 8.56 -7.99
C SER A 83 -7.22 7.87 -8.72
N THR A 84 -7.00 7.52 -9.97
CA THR A 84 -8.02 6.89 -10.78
C THR A 84 -7.71 5.42 -10.97
N SER A 85 -6.46 5.13 -11.29
CA SER A 85 -6.03 3.78 -11.52
C SER A 85 -5.86 3.05 -10.18
N HIS A 86 -6.96 2.53 -9.66
CA HIS A 86 -6.95 1.96 -8.33
C HIS A 86 -8.03 0.90 -8.14
N LEU A 87 -7.90 0.15 -7.06
CA LEU A 87 -8.86 -0.87 -6.68
C LEU A 87 -9.18 -0.78 -5.20
N THR A 88 -10.41 -0.43 -4.86
CA THR A 88 -10.78 -0.36 -3.46
C THR A 88 -11.27 -1.70 -2.99
N ARG A 89 -10.34 -2.50 -2.49
CA ARG A 89 -10.69 -3.70 -1.77
C ARG A 89 -9.97 -3.69 -0.40
N PRO A 90 -10.36 -2.76 0.47
CA PRO A 90 -9.72 -2.56 1.78
C PRO A 90 -9.94 -3.74 2.68
N SER A 91 -10.98 -4.49 2.38
CA SER A 91 -11.25 -5.76 3.02
C SER A 91 -10.12 -6.74 2.75
N GLU A 92 -9.61 -6.70 1.52
CA GLU A 92 -8.71 -7.72 1.03
C GLU A 92 -7.24 -7.38 1.29
N LEU A 93 -6.94 -6.10 1.53
CA LEU A 93 -5.59 -5.76 1.99
C LEU A 93 -5.44 -6.16 3.45
N GLN A 94 -6.38 -5.68 4.25
CA GLN A 94 -6.36 -5.92 5.69
C GLN A 94 -6.44 -7.41 5.95
N ALA A 95 -6.95 -8.12 4.95
CA ALA A 95 -7.05 -9.56 4.97
C ALA A 95 -5.69 -10.24 4.96
N VAL A 96 -4.84 -9.90 3.99
CA VAL A 96 -3.53 -10.52 3.92
C VAL A 96 -2.66 -9.95 5.02
N ILE A 97 -2.99 -8.76 5.49
CA ILE A 97 -2.35 -8.26 6.67
C ILE A 97 -2.65 -9.21 7.80
N ASP A 98 -3.93 -9.42 8.05
CA ASP A 98 -4.39 -10.38 9.05
C ASP A 98 -3.81 -11.77 8.78
N SER A 99 -3.83 -12.16 7.51
CA SER A 99 -3.40 -13.50 7.11
C SER A 99 -1.87 -13.65 7.13
N ASP A 100 -1.19 -12.83 6.34
CA ASP A 100 0.25 -12.90 6.20
C ASP A 100 0.99 -12.43 7.44
N LYS A 101 0.29 -11.86 8.41
CA LYS A 101 0.90 -11.50 9.70
C LYS A 101 1.59 -12.72 10.32
N SER A 102 1.11 -13.91 9.98
CA SER A 102 1.74 -15.13 10.45
C SER A 102 3.10 -15.31 9.77
N ASN A 103 3.28 -14.61 8.66
CA ASN A 103 4.51 -14.58 7.92
C ASN A 103 5.36 -13.39 8.37
N TYR A 104 4.68 -12.29 8.66
CA TYR A 104 5.31 -11.07 9.14
C TYR A 104 4.43 -10.40 10.16
N CYS A 105 4.97 -10.17 11.34
CA CYS A 105 4.31 -9.41 12.37
C CYS A 105 5.35 -8.95 13.37
N THR A 106 5.01 -7.94 14.16
CA THR A 106 5.98 -7.22 14.98
C THR A 106 6.87 -8.13 15.82
N ASP A 107 8.12 -8.22 15.41
CA ASP A 107 9.13 -8.93 16.19
C ASP A 107 10.48 -8.24 16.05
N LYS A 108 10.82 -7.87 14.82
CA LYS A 108 12.06 -7.12 14.58
C LYS A 108 11.79 -5.92 13.71
N SER A 109 10.50 -5.65 13.48
CA SER A 109 10.07 -4.61 12.53
C SER A 109 10.54 -4.96 11.13
N GLU A 110 9.94 -6.00 10.57
CA GLU A 110 10.27 -6.45 9.23
C GLU A 110 9.63 -5.51 8.20
N GLN A 111 10.25 -4.37 8.01
CA GLN A 111 9.76 -3.37 7.08
C GLN A 111 10.93 -2.77 6.30
N GLN A 112 10.61 -2.06 5.23
CA GLN A 112 11.63 -1.44 4.39
C GLN A 112 10.98 -0.52 3.36
N PRO A 113 11.59 0.64 3.10
CA PRO A 113 11.10 1.58 2.10
C PRO A 113 11.61 1.23 0.70
N SER A 114 12.16 0.03 0.59
CA SER A 114 12.74 -0.44 -0.67
C SER A 114 11.65 -0.89 -1.64
N GLN A 115 10.75 0.03 -1.97
CA GLN A 115 9.65 -0.25 -2.88
C GLN A 115 10.11 -0.14 -4.33
N ALA A 116 11.10 -0.93 -4.69
CA ALA A 116 11.66 -0.90 -6.03
C ALA A 116 10.71 -1.56 -7.01
N THR A 117 10.44 -2.84 -6.80
CA THR A 117 9.57 -3.60 -7.68
C THR A 117 9.06 -4.85 -6.98
N PRO A 118 7.73 -5.08 -6.99
CA PRO A 118 7.14 -6.36 -6.59
C PRO A 118 7.57 -7.45 -7.57
N PRO A 119 8.44 -8.36 -7.13
CA PRO A 119 9.10 -9.33 -8.01
C PRO A 119 8.16 -10.39 -8.54
N PRO A 120 8.13 -10.56 -9.88
CA PRO A 120 7.43 -11.66 -10.53
C PRO A 120 8.14 -12.98 -10.24
N GLU A 121 9.40 -12.87 -9.83
CA GLU A 121 10.21 -14.00 -9.40
C GLU A 121 9.78 -14.40 -7.99
N ILE A 122 8.62 -14.99 -7.88
CA ILE A 122 8.05 -15.36 -6.58
C ILE A 122 8.94 -16.35 -5.82
N PRO A 123 9.44 -15.95 -4.65
CA PRO A 123 10.13 -16.84 -3.73
C PRO A 123 9.14 -17.66 -2.93
N ALA A 1 6.84 -11.23 -1.77
CA ALA A 1 6.88 -10.12 -0.79
C ALA A 1 7.74 -10.47 0.42
N PRO A 2 8.60 -9.53 0.82
CA PRO A 2 9.48 -9.66 1.97
C PRO A 2 8.80 -9.31 3.28
N THR A 3 7.89 -8.35 3.20
CA THR A 3 7.22 -7.87 4.38
C THR A 3 5.72 -7.78 4.15
N LEU A 4 4.97 -7.48 5.19
CA LEU A 4 3.52 -7.54 5.11
C LEU A 4 2.96 -6.49 4.14
N GLN A 5 3.63 -5.33 4.08
CA GLN A 5 3.26 -4.26 3.14
C GLN A 5 3.43 -4.70 1.70
N GLU A 6 4.55 -5.35 1.36
CA GLU A 6 4.73 -5.80 -0.02
C GLU A 6 3.80 -6.96 -0.30
N ALA A 7 3.36 -7.65 0.75
CA ALA A 7 2.36 -8.69 0.60
C ALA A 7 1.04 -8.07 0.19
N LEU A 8 0.85 -6.83 0.59
CA LEU A 8 -0.29 -6.07 0.15
C LEU A 8 -0.11 -5.66 -1.29
N ASP A 9 1.07 -5.17 -1.62
CA ASP A 9 1.44 -4.83 -2.98
C ASP A 9 1.30 -6.05 -3.88
N ARG A 10 1.41 -7.21 -3.24
CA ARG A 10 1.34 -8.50 -3.89
C ARG A 10 -0.13 -8.86 -4.13
N LYS A 11 -0.99 -8.43 -3.21
CA LYS A 11 -2.42 -8.59 -3.37
C LYS A 11 -2.91 -7.56 -4.38
N CYS A 12 -2.31 -6.39 -4.29
CA CYS A 12 -2.52 -5.31 -5.24
C CYS A 12 -2.09 -5.71 -6.64
N ALA A 13 -1.06 -6.53 -6.72
CA ALA A 13 -0.55 -7.00 -8.00
C ALA A 13 -1.51 -8.01 -8.59
N GLN A 14 -2.37 -8.54 -7.73
CA GLN A 14 -3.41 -9.44 -8.17
C GLN A 14 -4.56 -8.66 -8.77
N PHE A 15 -5.12 -7.75 -7.99
CA PHE A 15 -6.28 -6.97 -8.39
C PHE A 15 -5.94 -5.96 -9.48
N GLY A 16 -4.88 -5.19 -9.23
CA GLY A 16 -4.47 -4.17 -10.17
C GLY A 16 -4.33 -4.71 -11.56
N LYS A 17 -3.47 -5.70 -11.70
CA LYS A 17 -3.14 -6.21 -13.01
C LYS A 17 -4.26 -7.12 -13.51
N GLU A 18 -5.10 -7.57 -12.60
CA GLU A 18 -6.37 -8.21 -12.96
C GLU A 18 -7.20 -7.23 -13.79
N SER A 19 -7.26 -5.98 -13.36
CA SER A 19 -7.89 -4.92 -14.13
C SER A 19 -7.14 -4.71 -15.43
N CYS A 20 -5.83 -4.78 -15.36
CA CYS A 20 -4.99 -4.71 -16.55
C CYS A 20 -5.33 -5.85 -17.51
N ASN A 21 -5.69 -7.00 -16.96
CA ASN A 21 -6.12 -8.15 -17.75
C ASN A 21 -7.48 -7.89 -18.37
N SER A 22 -8.38 -7.26 -17.60
CA SER A 22 -9.70 -6.89 -18.10
C SER A 22 -9.58 -5.93 -19.28
N GLY A 23 -8.50 -5.17 -19.32
CA GLY A 23 -8.28 -4.26 -20.42
C GLY A 23 -7.75 -2.92 -19.98
N LEU A 24 -7.57 -2.75 -18.67
CA LEU A 24 -7.07 -1.50 -18.13
C LEU A 24 -5.62 -1.29 -18.53
N ALA A 25 -5.41 -0.26 -19.32
CA ALA A 25 -4.09 0.05 -19.85
C ALA A 25 -3.19 0.69 -18.78
N SER A 26 -3.78 1.07 -17.67
CA SER A 26 -3.03 1.68 -16.59
C SER A 26 -2.15 0.67 -15.87
N TYR A 27 -2.77 -0.38 -15.31
CA TYR A 27 -2.05 -1.39 -14.55
C TYR A 27 -1.17 -2.24 -15.48
N CYS A 28 -1.42 -2.15 -16.77
CA CYS A 28 -0.65 -2.91 -17.76
C CYS A 28 0.81 -2.46 -17.76
N GLY A 29 1.69 -3.33 -17.27
CA GLY A 29 3.10 -2.98 -17.20
C GLY A 29 3.40 -2.00 -16.08
N ALA A 30 2.51 -1.96 -15.09
CA ALA A 30 2.66 -1.01 -13.99
C ALA A 30 3.17 -1.69 -12.73
N ALA A 31 3.69 -0.88 -11.83
CA ALA A 31 4.07 -1.31 -10.50
C ALA A 31 2.99 -0.93 -9.51
N ILE A 32 2.23 -1.88 -9.01
CA ILE A 32 1.12 -1.54 -8.13
C ILE A 32 1.47 -1.77 -6.67
N TYR A 33 0.95 -0.92 -5.81
CA TYR A 33 1.25 -0.95 -4.40
C TYR A 33 -0.01 -0.76 -3.58
N ALA A 34 0.02 -1.21 -2.34
CA ALA A 34 -1.08 -1.02 -1.42
C ALA A 34 -0.91 0.24 -0.62
N ARG A 35 -1.85 1.15 -0.75
CA ARG A 35 -1.78 2.34 0.05
C ARG A 35 -3.13 2.61 0.70
N TYR A 36 -3.13 2.61 2.01
CA TYR A 36 -4.28 2.98 2.78
C TYR A 36 -4.42 4.50 2.70
N ASP A 37 -5.00 4.98 1.61
CA ASP A 37 -5.09 6.40 1.35
C ASP A 37 -6.36 6.70 0.56
N LYS A 38 -6.48 7.93 0.07
CA LYS A 38 -7.62 8.31 -0.75
C LYS A 38 -7.45 7.73 -2.15
N GLY A 39 -8.52 7.73 -2.94
CA GLY A 39 -8.44 7.34 -4.33
C GLY A 39 -8.69 8.52 -5.24
N ASN A 40 -9.71 8.40 -6.09
CA ASN A 40 -10.19 9.53 -6.88
C ASN A 40 -10.70 10.64 -5.92
N SER A 41 -10.96 11.83 -6.44
CA SER A 41 -11.32 12.99 -5.62
C SER A 41 -12.42 12.66 -4.61
N SER A 42 -13.53 12.11 -5.09
CA SER A 42 -14.66 11.79 -4.22
C SER A 42 -14.39 10.52 -3.42
N GLN A 43 -13.30 9.84 -3.75
CA GLN A 43 -12.92 8.60 -3.09
C GLN A 43 -11.89 8.89 -2.00
N GLN A 44 -11.97 10.09 -1.44
CA GLN A 44 -11.17 10.45 -0.27
C GLN A 44 -11.49 9.52 0.92
N THR A 45 -11.05 9.88 2.12
CA THR A 45 -11.01 8.97 3.28
C THR A 45 -10.18 7.73 2.97
N LYS A 46 -9.19 7.48 3.80
CA LYS A 46 -8.24 6.43 3.51
C LYS A 46 -8.84 5.06 3.74
N GLU A 47 -8.74 4.21 2.74
CA GLU A 47 -9.06 2.80 2.87
C GLU A 47 -8.06 2.03 2.04
N TRP A 48 -7.82 0.79 2.42
CA TRP A 48 -6.90 -0.04 1.68
C TRP A 48 -7.34 -0.18 0.24
N ARG A 49 -6.59 0.36 -0.67
CA ARG A 49 -6.91 0.27 -2.07
C ARG A 49 -5.62 -0.02 -2.83
N CYS A 50 -5.76 -0.44 -4.06
CA CYS A 50 -4.60 -0.78 -4.86
C CYS A 50 -4.31 0.37 -5.80
N TYR A 51 -3.10 0.89 -5.69
CA TYR A 51 -2.68 2.03 -6.47
C TYR A 51 -1.38 1.70 -7.18
N ILE A 52 -1.34 1.80 -8.48
CA ILE A 52 -0.06 1.63 -9.17
C ILE A 52 0.80 2.86 -8.95
N GLU A 53 2.11 2.64 -8.99
CA GLU A 53 3.13 3.65 -8.75
C GLU A 53 2.86 4.91 -9.55
N LYS A 54 2.13 4.72 -10.63
CA LYS A 54 1.70 5.78 -11.50
C LYS A 54 0.96 6.85 -10.72
N GLU A 55 0.11 6.39 -9.82
CA GLU A 55 -0.85 7.24 -9.17
C GLU A 55 -0.38 7.74 -7.80
N LEU A 56 0.50 6.97 -7.14
CA LEU A 56 1.05 7.39 -5.85
C LEU A 56 1.99 8.55 -6.01
N ASP A 57 2.37 9.12 -4.90
CA ASP A 57 3.42 10.12 -4.86
C ASP A 57 4.46 9.72 -3.84
N PHE A 58 5.71 9.58 -4.28
CA PHE A 58 6.79 9.23 -3.37
C PHE A 58 7.39 10.50 -2.76
N SER A 59 6.81 11.64 -3.10
CA SER A 59 7.11 12.87 -2.42
C SER A 59 6.13 13.03 -1.28
N LYS A 60 5.25 12.04 -1.18
CA LYS A 60 4.33 11.89 -0.09
C LYS A 60 4.82 10.77 0.79
N SER A 61 4.99 11.03 2.08
CA SER A 61 5.29 9.95 2.98
C SER A 61 4.00 9.23 3.33
N GLY A 62 3.96 7.97 3.00
CA GLY A 62 2.74 7.22 3.10
C GLY A 62 2.46 6.78 4.51
N ASP A 63 1.62 7.52 5.18
CA ASP A 63 1.14 7.13 6.51
C ASP A 63 -0.04 6.18 6.33
N GLY A 64 -0.03 5.48 5.22
CA GLY A 64 -1.10 4.58 4.86
C GLY A 64 -0.55 3.24 4.45
N CYS A 65 0.67 3.00 4.90
CA CYS A 65 1.32 1.73 4.66
C CYS A 65 1.19 0.90 5.91
N VAL A 66 1.39 -0.38 5.80
CA VAL A 66 1.40 -1.24 6.95
C VAL A 66 2.78 -1.80 7.15
N ASP A 67 3.14 -2.00 8.39
CA ASP A 67 4.46 -2.49 8.74
C ASP A 67 4.41 -4.02 8.68
N ASP A 68 5.26 -4.71 9.44
CA ASP A 68 5.19 -6.17 9.44
C ASP A 68 3.92 -6.64 10.13
N CYS A 69 3.49 -5.91 11.14
CA CYS A 69 2.22 -6.15 11.75
C CYS A 69 1.21 -5.19 11.16
N GLY A 70 -0.08 -5.51 11.26
CA GLY A 70 -1.09 -4.66 10.65
C GLY A 70 -1.34 -3.42 11.46
N SER A 71 -0.38 -2.52 11.43
CA SER A 71 -0.51 -1.20 11.99
C SER A 71 0.14 -0.24 11.01
N MET A 72 -0.53 0.87 10.70
CA MET A 72 -0.06 1.75 9.64
C MET A 72 1.28 2.40 9.98
N THR A 73 2.26 2.11 9.13
CA THR A 73 3.58 2.68 9.24
C THR A 73 3.77 3.71 8.13
N SER A 74 4.60 4.71 8.36
CA SER A 74 4.83 5.73 7.36
C SER A 74 5.97 5.34 6.44
N CYS A 75 5.65 5.15 5.18
CA CYS A 75 6.60 4.77 4.14
C CYS A 75 6.24 5.48 2.84
N ARG A 76 7.24 6.00 2.13
CA ARG A 76 6.99 6.89 0.99
C ARG A 76 6.20 6.25 -0.13
N GLY A 77 5.03 6.82 -0.36
CA GLY A 77 4.14 6.39 -1.42
C GLY A 77 2.73 6.65 -1.00
N SER A 78 2.04 7.55 -1.65
CA SER A 78 0.67 7.88 -1.26
C SER A 78 -0.05 8.70 -2.29
N VAL A 79 -1.36 8.53 -2.30
CA VAL A 79 -2.22 9.23 -3.24
C VAL A 79 -2.44 10.67 -2.79
N SER A 80 -1.66 11.58 -3.35
CA SER A 80 -1.78 12.99 -3.04
C SER A 80 -3.06 13.55 -3.65
N GLY A 81 -3.09 13.60 -4.98
CA GLY A 81 -4.28 13.98 -5.69
C GLY A 81 -5.02 12.76 -6.19
N PRO A 82 -6.20 12.96 -6.78
CA PRO A 82 -7.03 11.87 -7.30
C PRO A 82 -6.26 10.86 -8.15
N SER A 83 -6.28 9.60 -7.71
CA SER A 83 -5.63 8.53 -8.44
C SER A 83 -6.67 7.73 -9.23
N THR A 84 -6.41 7.58 -10.52
CA THR A 84 -7.32 6.85 -11.39
C THR A 84 -7.09 5.35 -11.30
N SER A 85 -5.83 4.90 -11.45
CA SER A 85 -5.55 3.51 -11.22
C SER A 85 -5.81 3.18 -9.77
N HIS A 86 -6.86 2.42 -9.49
CA HIS A 86 -7.08 2.00 -8.13
C HIS A 86 -8.23 1.01 -8.01
N LEU A 87 -8.01 0.01 -7.18
CA LEU A 87 -9.05 -0.93 -6.81
C LEU A 87 -9.29 -0.85 -5.32
N THR A 88 -10.51 -0.54 -4.92
CA THR A 88 -10.82 -0.49 -3.49
C THR A 88 -11.04 -1.89 -2.97
N ARG A 89 -9.99 -2.50 -2.47
CA ARG A 89 -10.12 -3.77 -1.79
C ARG A 89 -9.57 -3.64 -0.38
N PRO A 90 -10.23 -2.84 0.48
CA PRO A 90 -9.74 -2.62 1.84
C PRO A 90 -10.06 -3.81 2.72
N SER A 91 -11.06 -4.56 2.31
CA SER A 91 -11.42 -5.80 2.95
C SER A 91 -10.35 -6.86 2.69
N GLU A 92 -9.83 -6.87 1.48
CA GLU A 92 -8.95 -7.91 1.03
C GLU A 92 -7.48 -7.57 1.27
N LEU A 93 -7.13 -6.28 1.26
CA LEU A 93 -5.78 -5.87 1.65
C LEU A 93 -5.54 -6.20 3.11
N GLN A 94 -6.47 -5.80 3.97
CA GLN A 94 -6.32 -6.02 5.40
C GLN A 94 -6.41 -7.50 5.71
N ALA A 95 -6.96 -8.23 4.74
CA ALA A 95 -7.06 -9.66 4.82
C ALA A 95 -5.69 -10.32 4.76
N VAL A 96 -4.86 -9.86 3.82
CA VAL A 96 -3.52 -10.40 3.70
C VAL A 96 -2.65 -9.81 4.78
N ILE A 97 -3.02 -8.65 5.29
CA ILE A 97 -2.39 -8.16 6.48
C ILE A 97 -2.61 -9.16 7.58
N ASP A 98 -3.89 -9.38 7.89
CA ASP A 98 -4.29 -10.39 8.86
C ASP A 98 -3.69 -11.77 8.55
N SER A 99 -3.69 -12.14 7.27
CA SER A 99 -3.23 -13.46 6.84
C SER A 99 -1.70 -13.55 6.78
N ASP A 100 -1.09 -12.72 5.94
CA ASP A 100 0.35 -12.73 5.73
C ASP A 100 1.11 -12.27 6.96
N LYS A 101 0.43 -11.72 7.95
CA LYS A 101 1.05 -11.44 9.26
C LYS A 101 1.71 -12.70 9.81
N SER A 102 1.22 -13.87 9.39
CA SER A 102 1.85 -15.12 9.74
C SER A 102 3.20 -15.23 9.05
N ASN A 103 3.29 -14.64 7.86
CA ASN A 103 4.52 -14.60 7.09
C ASN A 103 5.41 -13.48 7.60
N TYR A 104 4.79 -12.40 8.06
CA TYR A 104 5.52 -11.27 8.64
C TYR A 104 4.72 -10.65 9.75
N CYS A 105 5.24 -10.72 10.94
CA CYS A 105 4.77 -9.95 12.07
C CYS A 105 5.79 -10.02 13.19
N THR A 106 6.19 -8.89 13.72
CA THR A 106 7.08 -8.88 14.85
C THR A 106 6.32 -8.58 16.14
N ASP A 107 6.91 -8.88 17.27
CA ASP A 107 6.32 -8.48 18.54
C ASP A 107 6.50 -6.98 18.71
N LYS A 108 7.61 -6.47 18.18
CA LYS A 108 7.90 -5.04 18.19
C LYS A 108 9.22 -4.77 17.48
N SER A 109 9.15 -4.58 16.16
CA SER A 109 10.33 -4.20 15.38
C SER A 109 10.58 -2.71 15.50
N GLU A 110 9.66 -2.05 16.19
CA GLU A 110 9.66 -0.59 16.35
C GLU A 110 9.42 0.08 15.00
N GLN A 111 8.18 0.03 14.55
CA GLN A 111 7.81 0.55 13.24
C GLN A 111 7.94 2.07 13.22
N GLN A 112 8.17 2.62 12.03
CA GLN A 112 8.29 4.06 11.86
C GLN A 112 6.93 4.73 11.89
N PRO A 113 6.65 5.51 12.95
CA PRO A 113 5.36 6.17 13.13
C PRO A 113 5.25 7.44 12.29
N SER A 114 6.03 8.45 12.63
CA SER A 114 5.97 9.73 11.94
C SER A 114 7.25 9.97 11.13
N GLN A 115 7.41 9.20 10.05
CA GLN A 115 8.55 9.30 9.13
C GLN A 115 9.84 8.80 9.79
N ALA A 116 10.28 9.49 10.83
CA ALA A 116 11.50 9.13 11.54
C ALA A 116 11.19 8.66 12.94
N THR A 117 11.72 7.49 13.29
CA THR A 117 11.51 6.92 14.61
C THR A 117 12.38 7.60 15.68
N PRO A 118 13.72 7.67 15.50
CA PRO A 118 14.59 8.31 16.49
C PRO A 118 14.46 9.83 16.49
N PRO A 119 14.06 10.42 17.63
CA PRO A 119 13.91 11.87 17.78
C PRO A 119 15.25 12.60 17.66
N PRO A 120 15.28 13.66 16.83
CA PRO A 120 16.48 14.45 16.57
C PRO A 120 16.94 15.25 17.79
N GLU A 121 16.01 15.97 18.41
CA GLU A 121 16.33 16.79 19.58
C GLU A 121 15.28 16.63 20.67
N ILE A 122 15.73 16.48 21.90
CA ILE A 122 14.83 16.42 23.05
C ILE A 122 15.33 17.32 24.18
N PRO A 123 15.18 18.66 24.01
CA PRO A 123 15.60 19.63 25.00
C PRO A 123 14.64 19.72 26.18
N ALA A 1 6.03 -12.06 -1.44
CA ALA A 1 6.37 -10.80 -0.75
C ALA A 1 7.32 -11.03 0.41
N PRO A 2 8.32 -10.15 0.53
CA PRO A 2 9.31 -10.18 1.62
C PRO A 2 8.76 -9.65 2.92
N THR A 3 7.85 -8.70 2.84
CA THR A 3 7.30 -8.08 4.03
C THR A 3 5.77 -7.98 3.94
N LEU A 4 5.10 -7.71 5.05
CA LEU A 4 3.64 -7.76 5.08
C LEU A 4 3.02 -6.74 4.13
N GLN A 5 3.60 -5.55 4.07
CA GLN A 5 3.10 -4.52 3.18
C GLN A 5 3.30 -4.92 1.72
N GLU A 6 4.37 -5.65 1.44
CA GLU A 6 4.60 -6.13 0.08
C GLU A 6 3.59 -7.22 -0.24
N ALA A 7 3.09 -7.89 0.80
CA ALA A 7 2.04 -8.87 0.63
C ALA A 7 0.77 -8.17 0.20
N LEU A 8 0.66 -6.92 0.61
CA LEU A 8 -0.41 -6.07 0.15
C LEU A 8 -0.21 -5.72 -1.31
N ASP A 9 1.00 -5.27 -1.64
CA ASP A 9 1.38 -4.98 -3.02
C ASP A 9 1.16 -6.22 -3.88
N ARG A 10 1.24 -7.38 -3.25
CA ARG A 10 1.02 -8.66 -3.88
C ARG A 10 -0.47 -8.89 -4.10
N LYS A 11 -1.28 -8.49 -3.12
CA LYS A 11 -2.73 -8.49 -3.25
C LYS A 11 -3.11 -7.51 -4.34
N CYS A 12 -2.48 -6.35 -4.26
CA CYS A 12 -2.60 -5.28 -5.22
C CYS A 12 -2.28 -5.74 -6.64
N ALA A 13 -1.29 -6.60 -6.75
CA ALA A 13 -0.86 -7.10 -8.05
C ALA A 13 -1.89 -8.07 -8.60
N GLN A 14 -2.61 -8.72 -7.69
CA GLN A 14 -3.63 -9.70 -8.04
C GLN A 14 -4.89 -9.03 -8.56
N PHE A 15 -5.12 -7.80 -8.12
CA PHE A 15 -6.25 -7.02 -8.59
C PHE A 15 -5.84 -6.08 -9.71
N GLY A 16 -4.87 -5.21 -9.41
CA GLY A 16 -4.41 -4.21 -10.34
C GLY A 16 -4.03 -4.78 -11.66
N LYS A 17 -3.02 -5.61 -11.66
CA LYS A 17 -2.49 -6.14 -12.89
C LYS A 17 -3.45 -7.16 -13.49
N GLU A 18 -4.38 -7.65 -12.68
CA GLU A 18 -5.49 -8.44 -13.20
C GLU A 18 -6.32 -7.58 -14.15
N SER A 19 -6.63 -6.37 -13.72
CA SER A 19 -7.28 -5.40 -14.58
C SER A 19 -6.43 -5.14 -15.80
N CYS A 20 -5.12 -5.02 -15.58
CA CYS A 20 -4.15 -4.87 -16.65
C CYS A 20 -4.24 -6.04 -17.63
N ASN A 21 -4.39 -7.24 -17.09
CA ASN A 21 -4.53 -8.45 -17.90
C ASN A 21 -5.85 -8.43 -18.65
N SER A 22 -6.88 -7.90 -18.00
CA SER A 22 -8.21 -7.80 -18.60
C SER A 22 -8.21 -6.78 -19.74
N GLY A 23 -7.28 -5.82 -19.68
CA GLY A 23 -7.14 -4.86 -20.76
C GLY A 23 -6.82 -3.46 -20.29
N LEU A 24 -6.77 -3.28 -18.97
CA LEU A 24 -6.48 -1.98 -18.39
C LEU A 24 -5.04 -1.58 -18.67
N ALA A 25 -4.88 -0.59 -19.53
CA ALA A 25 -3.57 -0.12 -19.94
C ALA A 25 -2.83 0.57 -18.80
N SER A 26 -3.58 0.98 -17.78
CA SER A 26 -3.01 1.68 -16.66
C SER A 26 -2.10 0.75 -15.84
N TYR A 27 -2.65 -0.34 -15.30
CA TYR A 27 -1.87 -1.27 -14.49
C TYR A 27 -0.86 -2.03 -15.36
N CYS A 28 -1.10 -2.00 -16.67
CA CYS A 28 -0.24 -2.70 -17.61
C CYS A 28 1.10 -1.99 -17.73
N GLY A 29 2.15 -2.65 -17.24
CA GLY A 29 3.47 -2.04 -17.24
C GLY A 29 3.64 -1.11 -16.05
N ALA A 30 2.65 -1.12 -15.17
CA ALA A 30 2.67 -0.28 -13.99
C ALA A 30 3.17 -1.05 -12.79
N ALA A 31 3.48 -0.32 -11.73
CA ALA A 31 3.88 -0.91 -10.47
C ALA A 31 2.78 -0.64 -9.44
N ILE A 32 2.05 -1.65 -9.02
CA ILE A 32 0.91 -1.38 -8.14
C ILE A 32 1.26 -1.67 -6.69
N TYR A 33 0.84 -0.76 -5.84
CA TYR A 33 1.18 -0.82 -4.43
C TYR A 33 -0.07 -0.67 -3.58
N ALA A 34 0.02 -1.13 -2.35
CA ALA A 34 -1.06 -0.98 -1.39
C ALA A 34 -0.90 0.29 -0.61
N ARG A 35 -1.88 1.16 -0.69
CA ARG A 35 -1.82 2.37 0.07
C ARG A 35 -3.18 2.67 0.68
N TYR A 36 -3.20 2.76 1.99
CA TYR A 36 -4.36 3.19 2.73
C TYR A 36 -4.50 4.70 2.55
N ASP A 37 -5.07 5.10 1.42
CA ASP A 37 -5.19 6.51 1.08
C ASP A 37 -6.48 6.75 0.30
N LYS A 38 -6.60 7.92 -0.30
CA LYS A 38 -7.75 8.26 -1.10
C LYS A 38 -7.56 7.78 -2.53
N GLY A 39 -8.66 7.69 -3.26
CA GLY A 39 -8.60 7.40 -4.68
C GLY A 39 -8.78 8.67 -5.48
N ASN A 40 -9.80 8.69 -6.32
CA ASN A 40 -10.20 9.91 -7.01
C ASN A 40 -10.80 10.89 -5.98
N SER A 41 -11.15 12.10 -6.40
CA SER A 41 -11.70 13.10 -5.50
C SER A 41 -12.92 12.54 -4.74
N SER A 42 -13.81 11.89 -5.47
CA SER A 42 -15.01 11.31 -4.88
C SER A 42 -14.69 10.02 -4.13
N GLN A 43 -13.46 9.56 -4.26
CA GLN A 43 -12.99 8.34 -3.63
C GLN A 43 -12.08 8.65 -2.44
N GLN A 44 -12.30 9.81 -1.81
CA GLN A 44 -11.53 10.23 -0.65
C GLN A 44 -11.69 9.26 0.54
N THR A 45 -11.32 9.72 1.75
CA THR A 45 -11.24 8.90 2.96
C THR A 45 -10.39 7.65 2.74
N LYS A 46 -9.23 7.64 3.37
CA LYS A 46 -8.26 6.58 3.18
C LYS A 46 -8.84 5.22 3.52
N GLU A 47 -8.73 4.29 2.59
CA GLU A 47 -9.01 2.89 2.82
C GLU A 47 -8.01 2.10 2.03
N TRP A 48 -7.75 0.88 2.47
CA TRP A 48 -6.82 0.05 1.75
C TRP A 48 -7.26 -0.17 0.32
N ARG A 49 -6.51 0.37 -0.60
CA ARG A 49 -6.84 0.20 -1.99
C ARG A 49 -5.58 -0.09 -2.76
N CYS A 50 -5.74 -0.52 -3.99
CA CYS A 50 -4.61 -0.81 -4.81
C CYS A 50 -4.37 0.35 -5.74
N TYR A 51 -3.19 0.93 -5.64
CA TYR A 51 -2.82 2.10 -6.41
C TYR A 51 -1.54 1.80 -7.17
N ILE A 52 -1.54 1.95 -8.46
CA ILE A 52 -0.29 1.82 -9.19
C ILE A 52 0.54 3.07 -8.99
N GLU A 53 1.86 2.88 -9.05
CA GLU A 53 2.86 3.93 -8.77
C GLU A 53 2.56 5.20 -9.55
N LYS A 54 1.87 5.01 -10.67
CA LYS A 54 1.37 6.09 -11.47
C LYS A 54 0.67 7.14 -10.60
N GLU A 55 -0.18 6.62 -9.74
CA GLU A 55 -1.15 7.42 -9.02
C GLU A 55 -0.66 7.81 -7.63
N LEU A 56 0.33 7.08 -7.10
CA LEU A 56 0.93 7.46 -5.83
C LEU A 56 1.87 8.62 -6.03
N ASP A 57 2.33 9.16 -4.94
CA ASP A 57 3.37 10.17 -4.95
C ASP A 57 4.40 9.83 -3.88
N PHE A 58 5.65 9.69 -4.28
CA PHE A 58 6.71 9.34 -3.35
C PHE A 58 7.33 10.56 -2.72
N SER A 59 6.80 11.73 -3.04
CA SER A 59 7.17 12.94 -2.34
C SER A 59 6.21 13.14 -1.18
N LYS A 60 5.25 12.22 -1.11
CA LYS A 60 4.34 12.13 0.01
C LYS A 60 4.75 10.97 0.88
N SER A 61 4.92 11.19 2.16
CA SER A 61 5.20 10.10 3.05
C SER A 61 3.91 9.42 3.44
N GLY A 62 3.84 8.14 3.18
CA GLY A 62 2.61 7.41 3.34
C GLY A 62 2.46 6.81 4.70
N ASP A 63 1.68 7.47 5.54
CA ASP A 63 1.29 6.90 6.82
C ASP A 63 0.04 6.04 6.60
N GLY A 64 0.01 5.44 5.42
CA GLY A 64 -1.10 4.63 4.99
C GLY A 64 -0.60 3.28 4.54
N CYS A 65 0.55 2.91 5.05
CA CYS A 65 1.16 1.63 4.79
C CYS A 65 1.03 0.81 6.05
N VAL A 66 1.23 -0.48 5.93
CA VAL A 66 1.30 -1.32 7.10
C VAL A 66 2.70 -1.89 7.19
N ASP A 67 3.17 -2.09 8.39
CA ASP A 67 4.52 -2.56 8.60
C ASP A 67 4.52 -4.09 8.51
N ASP A 68 5.46 -4.77 9.16
CA ASP A 68 5.44 -6.24 9.14
C ASP A 68 4.25 -6.76 9.92
N CYS A 69 3.83 -6.02 10.93
CA CYS A 69 2.62 -6.32 11.63
C CYS A 69 1.54 -5.33 11.19
N GLY A 70 0.27 -5.64 11.39
CA GLY A 70 -0.79 -4.75 10.94
C GLY A 70 -0.91 -3.53 11.80
N SER A 71 0.07 -2.65 11.63
CA SER A 71 0.08 -1.33 12.20
C SER A 71 0.55 -0.40 11.10
N MET A 72 -0.06 0.75 10.98
CA MET A 72 0.22 1.60 9.84
C MET A 72 1.53 2.35 10.02
N THR A 73 2.48 1.99 9.18
CA THR A 73 3.81 2.56 9.22
C THR A 73 3.93 3.61 8.12
N SER A 74 4.84 4.57 8.31
CA SER A 74 4.99 5.65 7.36
C SER A 74 6.12 5.36 6.37
N CYS A 75 5.74 5.21 5.10
CA CYS A 75 6.70 4.96 4.04
C CYS A 75 6.25 5.68 2.78
N ARG A 76 7.20 6.17 1.98
CA ARG A 76 6.87 7.06 0.88
C ARG A 76 6.10 6.36 -0.23
N GLY A 77 4.95 6.94 -0.53
CA GLY A 77 4.11 6.45 -1.61
C GLY A 77 2.68 6.73 -1.25
N SER A 78 2.12 7.79 -1.76
CA SER A 78 0.77 8.15 -1.38
C SER A 78 0.07 9.00 -2.40
N VAL A 79 -1.23 8.74 -2.54
CA VAL A 79 -2.05 9.40 -3.52
C VAL A 79 -2.16 10.89 -3.21
N SER A 80 -1.41 11.69 -3.95
CA SER A 80 -1.36 13.13 -3.72
C SER A 80 -2.63 13.80 -4.24
N GLY A 81 -2.99 13.48 -5.47
CA GLY A 81 -4.21 14.01 -6.06
C GLY A 81 -5.25 12.93 -6.19
N PRO A 82 -5.89 12.86 -7.36
CA PRO A 82 -6.87 11.85 -7.67
C PRO A 82 -6.27 10.61 -8.30
N SER A 83 -6.43 9.48 -7.63
CA SER A 83 -5.90 8.22 -8.11
C SER A 83 -6.91 7.55 -9.04
N THR A 84 -6.69 7.69 -10.34
CA THR A 84 -7.56 7.06 -11.33
C THR A 84 -7.42 5.55 -11.29
N SER A 85 -6.22 5.04 -11.46
CA SER A 85 -5.97 3.63 -11.25
C SER A 85 -6.22 3.31 -9.79
N HIS A 86 -7.14 2.40 -9.52
CA HIS A 86 -7.24 1.84 -8.19
C HIS A 86 -8.29 0.75 -8.09
N LEU A 87 -8.09 -0.11 -7.12
CA LEU A 87 -9.06 -1.12 -6.75
C LEU A 87 -9.29 -1.07 -5.26
N THR A 88 -10.50 -0.70 -4.86
CA THR A 88 -10.82 -0.60 -3.45
C THR A 88 -11.13 -1.96 -2.88
N ARG A 89 -10.09 -2.62 -2.39
CA ARG A 89 -10.29 -3.85 -1.66
C ARG A 89 -9.65 -3.70 -0.28
N PRO A 90 -10.22 -2.83 0.57
CA PRO A 90 -9.66 -2.54 1.88
C PRO A 90 -9.83 -3.71 2.84
N SER A 91 -10.94 -4.41 2.70
CA SER A 91 -11.15 -5.66 3.38
C SER A 91 -10.05 -6.65 3.03
N GLU A 92 -9.76 -6.69 1.73
CA GLU A 92 -8.86 -7.67 1.16
C GLU A 92 -7.40 -7.38 1.50
N LEU A 93 -6.98 -6.11 1.41
CA LEU A 93 -5.63 -5.74 1.82
C LEU A 93 -5.42 -6.07 3.30
N GLN A 94 -6.33 -5.61 4.14
CA GLN A 94 -6.21 -5.78 5.58
C GLN A 94 -6.33 -7.27 5.91
N ALA A 95 -6.84 -8.02 4.95
CA ALA A 95 -6.97 -9.46 5.06
C ALA A 95 -5.62 -10.14 4.97
N VAL A 96 -4.86 -9.80 3.93
CA VAL A 96 -3.53 -10.36 3.76
C VAL A 96 -2.63 -9.81 4.84
N ILE A 97 -2.93 -8.62 5.31
CA ILE A 97 -2.26 -8.14 6.50
C ILE A 97 -2.51 -9.13 7.62
N ASP A 98 -3.79 -9.37 7.91
CA ASP A 98 -4.18 -10.32 8.94
C ASP A 98 -3.59 -11.72 8.68
N SER A 99 -3.69 -12.15 7.43
CA SER A 99 -3.30 -13.50 7.03
C SER A 99 -1.79 -13.62 6.88
N ASP A 100 -1.22 -12.77 6.04
CA ASP A 100 0.22 -12.76 5.81
C ASP A 100 0.99 -12.29 7.04
N LYS A 101 0.28 -11.76 8.05
CA LYS A 101 0.91 -11.52 9.35
C LYS A 101 1.51 -12.82 9.90
N SER A 102 0.97 -13.94 9.46
CA SER A 102 1.52 -15.25 9.81
C SER A 102 2.86 -15.44 9.07
N ASN A 103 3.02 -14.69 8.00
CA ASN A 103 4.24 -14.69 7.21
C ASN A 103 5.21 -13.65 7.77
N TYR A 104 4.65 -12.53 8.24
CA TYR A 104 5.44 -11.45 8.85
C TYR A 104 4.62 -10.80 9.92
N CYS A 105 5.12 -10.87 11.13
CA CYS A 105 4.62 -10.07 12.22
C CYS A 105 5.61 -10.10 13.37
N THR A 106 6.02 -8.94 13.83
CA THR A 106 6.86 -8.86 14.99
C THR A 106 6.03 -8.54 16.23
N ASP A 107 6.49 -8.99 17.39
CA ASP A 107 5.81 -8.70 18.64
C ASP A 107 5.95 -7.23 19.00
N LYS A 108 7.20 -6.76 19.04
CA LYS A 108 7.47 -5.36 19.32
C LYS A 108 8.74 -4.90 18.63
N SER A 109 8.58 -4.46 17.39
CA SER A 109 9.59 -3.65 16.74
C SER A 109 9.06 -2.22 16.75
N GLU A 110 7.86 -2.12 17.31
CA GLU A 110 7.04 -0.91 17.29
C GLU A 110 6.52 -0.71 15.87
N GLN A 111 7.43 -0.36 14.97
CA GLN A 111 7.21 -0.29 13.53
C GLN A 111 8.46 0.32 12.91
N GLN A 112 8.56 0.31 11.59
CA GLN A 112 9.77 0.76 10.93
C GLN A 112 9.54 1.98 10.04
N PRO A 113 9.32 3.17 10.64
CA PRO A 113 9.20 4.42 9.89
C PRO A 113 10.58 4.97 9.52
N SER A 114 11.59 4.36 10.13
CA SER A 114 12.98 4.70 9.88
C SER A 114 13.75 3.45 9.49
N GLN A 115 13.12 2.62 8.67
CA GLN A 115 13.73 1.37 8.23
C GLN A 115 15.01 1.64 7.46
N ALA A 116 15.01 2.68 6.64
CA ALA A 116 16.19 3.09 5.89
C ALA A 116 16.98 4.15 6.65
N THR A 117 16.71 4.25 7.94
CA THR A 117 17.38 5.21 8.80
C THR A 117 17.88 4.50 10.06
N PRO A 118 19.12 3.95 9.99
CA PRO A 118 19.68 3.07 11.03
C PRO A 118 19.55 3.62 12.45
N PRO A 119 18.68 2.99 13.26
CA PRO A 119 18.55 3.25 14.68
C PRO A 119 19.28 2.19 15.52
N PRO A 120 20.55 2.45 15.87
CA PRO A 120 21.41 1.48 16.53
C PRO A 120 21.27 1.48 18.05
N GLU A 121 20.22 2.12 18.55
CA GLU A 121 19.97 2.20 19.99
C GLU A 121 21.10 2.93 20.70
N ILE A 122 21.15 2.81 22.02
CA ILE A 122 22.20 3.45 22.80
C ILE A 122 22.32 2.81 24.18
N PRO A 123 23.46 2.17 24.48
CA PRO A 123 23.75 1.59 25.78
C PRO A 123 24.08 2.67 26.82
N ALA A 1 6.32 -11.99 -1.38
CA ALA A 1 6.54 -10.73 -0.63
C ALA A 1 7.43 -10.97 0.58
N PRO A 2 8.38 -10.06 0.80
CA PRO A 2 9.32 -10.11 1.92
C PRO A 2 8.71 -9.62 3.23
N THR A 3 7.81 -8.66 3.12
CA THR A 3 7.20 -8.07 4.29
C THR A 3 5.69 -7.95 4.10
N LEU A 4 4.97 -7.67 5.18
CA LEU A 4 3.51 -7.71 5.14
C LEU A 4 2.94 -6.67 4.17
N GLN A 5 3.58 -5.52 4.07
CA GLN A 5 3.12 -4.46 3.18
C GLN A 5 3.34 -4.85 1.71
N GLU A 6 4.38 -5.61 1.44
CA GLU A 6 4.60 -6.10 0.07
C GLU A 6 3.63 -7.24 -0.23
N ALA A 7 3.18 -7.90 0.82
CA ALA A 7 2.13 -8.91 0.68
C ALA A 7 0.85 -8.22 0.23
N LEU A 8 0.72 -6.98 0.66
CA LEU A 8 -0.37 -6.14 0.19
C LEU A 8 -0.17 -5.76 -1.26
N ASP A 9 1.04 -5.31 -1.58
CA ASP A 9 1.47 -5.01 -2.94
C ASP A 9 1.24 -6.22 -3.85
N ARG A 10 1.35 -7.39 -3.24
CA ARG A 10 1.16 -8.67 -3.91
C ARG A 10 -0.33 -8.95 -4.11
N LYS A 11 -1.14 -8.51 -3.16
CA LYS A 11 -2.59 -8.56 -3.27
C LYS A 11 -3.02 -7.54 -4.32
N CYS A 12 -2.40 -6.39 -4.23
CA CYS A 12 -2.56 -5.30 -5.18
C CYS A 12 -2.25 -5.74 -6.60
N ALA A 13 -1.27 -6.62 -6.73
CA ALA A 13 -0.88 -7.13 -8.04
C ALA A 13 -1.96 -8.05 -8.58
N GLN A 14 -2.69 -8.68 -7.67
CA GLN A 14 -3.73 -9.64 -8.01
C GLN A 14 -4.96 -8.95 -8.57
N PHE A 15 -5.19 -7.72 -8.14
CA PHE A 15 -6.33 -6.94 -8.60
C PHE A 15 -5.92 -5.96 -9.70
N GLY A 16 -4.88 -5.19 -9.42
CA GLY A 16 -4.41 -4.19 -10.34
C GLY A 16 -4.06 -4.78 -11.68
N LYS A 17 -3.07 -5.65 -11.69
CA LYS A 17 -2.56 -6.18 -12.92
C LYS A 17 -3.54 -7.19 -13.52
N GLU A 18 -4.44 -7.71 -12.70
CA GLU A 18 -5.59 -8.46 -13.20
C GLU A 18 -6.39 -7.57 -14.16
N SER A 19 -6.63 -6.34 -13.72
CA SER A 19 -7.26 -5.35 -14.55
C SER A 19 -6.40 -5.08 -15.78
N CYS A 20 -5.10 -5.02 -15.57
CA CYS A 20 -4.14 -4.85 -16.65
C CYS A 20 -4.26 -6.00 -17.66
N ASN A 21 -4.49 -7.21 -17.15
CA ASN A 21 -4.66 -8.39 -17.99
C ASN A 21 -5.99 -8.33 -18.73
N SER A 22 -6.96 -7.64 -18.13
CA SER A 22 -8.27 -7.49 -18.75
C SER A 22 -8.23 -6.43 -19.85
N GLY A 23 -7.24 -5.54 -19.78
CA GLY A 23 -7.11 -4.51 -20.80
C GLY A 23 -6.86 -3.14 -20.21
N LEU A 24 -6.72 -3.06 -18.90
CA LEU A 24 -6.43 -1.80 -18.24
C LEU A 24 -4.99 -1.40 -18.47
N ALA A 25 -4.81 -0.50 -19.43
CA ALA A 25 -3.49 0.00 -19.81
C ALA A 25 -2.75 0.58 -18.62
N SER A 26 -3.52 1.13 -17.70
CA SER A 26 -2.98 1.76 -16.52
C SER A 26 -2.05 0.83 -15.73
N TYR A 27 -2.57 -0.30 -15.26
CA TYR A 27 -1.77 -1.24 -14.47
C TYR A 27 -0.75 -1.95 -15.35
N CYS A 28 -0.99 -1.88 -16.65
CA CYS A 28 -0.10 -2.50 -17.62
C CYS A 28 1.14 -1.64 -17.79
N GLY A 29 2.26 -2.11 -17.26
CA GLY A 29 3.48 -1.34 -17.29
C GLY A 29 3.64 -0.49 -16.03
N ALA A 30 2.80 -0.78 -15.05
CA ALA A 30 2.79 -0.04 -13.80
C ALA A 30 3.24 -0.91 -12.64
N ALA A 31 3.57 -0.26 -11.54
CA ALA A 31 3.90 -0.93 -10.30
C ALA A 31 2.80 -0.68 -9.30
N ILE A 32 2.04 -1.69 -8.91
CA ILE A 32 0.88 -1.42 -8.07
C ILE A 32 1.16 -1.72 -6.61
N TYR A 33 0.90 -0.74 -5.78
CA TYR A 33 1.24 -0.79 -4.38
C TYR A 33 0.00 -0.68 -3.53
N ALA A 34 0.10 -1.15 -2.30
CA ALA A 34 -0.97 -1.01 -1.34
C ALA A 34 -0.81 0.27 -0.57
N ARG A 35 -1.78 1.15 -0.69
CA ARG A 35 -1.72 2.37 0.05
C ARG A 35 -3.07 2.66 0.69
N TYR A 36 -3.06 2.71 2.00
CA TYR A 36 -4.21 3.13 2.77
C TYR A 36 -4.33 4.63 2.63
N ASP A 37 -4.98 5.07 1.57
CA ASP A 37 -5.08 6.51 1.26
C ASP A 37 -6.41 6.78 0.55
N LYS A 38 -6.52 7.95 -0.02
CA LYS A 38 -7.72 8.33 -0.75
C LYS A 38 -7.73 7.75 -2.14
N GLY A 39 -8.93 7.62 -2.68
CA GLY A 39 -9.08 7.18 -4.04
C GLY A 39 -9.27 8.37 -4.95
N ASN A 40 -10.28 8.32 -5.80
CA ASN A 40 -10.61 9.46 -6.65
C ASN A 40 -11.13 10.61 -5.78
N SER A 41 -11.44 11.76 -6.39
CA SER A 41 -11.81 12.98 -5.67
C SER A 41 -12.80 12.73 -4.51
N SER A 42 -14.02 12.36 -4.85
CA SER A 42 -15.07 12.16 -3.86
C SER A 42 -14.85 10.86 -3.08
N GLN A 43 -13.90 10.08 -3.55
CA GLN A 43 -13.56 8.78 -2.95
C GLN A 43 -12.53 8.95 -1.84
N GLN A 44 -12.58 10.09 -1.16
CA GLN A 44 -11.70 10.37 -0.02
C GLN A 44 -11.83 9.31 1.09
N THR A 45 -11.41 9.66 2.32
CA THR A 45 -11.32 8.72 3.44
C THR A 45 -10.42 7.54 3.12
N LYS A 46 -9.26 7.50 3.78
CA LYS A 46 -8.28 6.47 3.51
C LYS A 46 -8.81 5.09 3.82
N GLU A 47 -8.72 4.22 2.85
CA GLU A 47 -8.98 2.81 3.04
C GLU A 47 -8.00 2.05 2.17
N TRP A 48 -7.71 0.82 2.54
CA TRP A 48 -6.77 0.02 1.78
C TRP A 48 -7.24 -0.14 0.36
N ARG A 49 -6.51 0.43 -0.55
CA ARG A 49 -6.85 0.32 -1.94
C ARG A 49 -5.59 0.05 -2.72
N CYS A 50 -5.75 -0.41 -3.93
CA CYS A 50 -4.61 -0.75 -4.73
C CYS A 50 -4.36 0.39 -5.68
N TYR A 51 -3.17 0.96 -5.57
CA TYR A 51 -2.79 2.11 -6.34
C TYR A 51 -1.52 1.81 -7.08
N ILE A 52 -1.57 1.87 -8.40
CA ILE A 52 -0.35 1.75 -9.15
C ILE A 52 0.49 2.99 -8.98
N GLU A 53 1.80 2.81 -9.07
CA GLU A 53 2.79 3.86 -8.86
C GLU A 53 2.47 5.11 -9.66
N LYS A 54 1.72 4.92 -10.73
CA LYS A 54 1.20 6.01 -11.53
C LYS A 54 0.42 7.00 -10.69
N GLU A 55 -0.37 6.46 -9.77
CA GLU A 55 -1.36 7.23 -9.04
C GLU A 55 -0.86 7.69 -7.68
N LEU A 56 0.21 7.09 -7.17
CA LEU A 56 0.82 7.53 -5.93
C LEU A 56 1.72 8.73 -6.17
N ASP A 57 2.21 9.27 -5.09
CA ASP A 57 3.23 10.28 -5.10
C ASP A 57 4.29 9.92 -4.07
N PHE A 58 5.53 9.81 -4.53
CA PHE A 58 6.63 9.49 -3.63
C PHE A 58 7.23 10.77 -3.06
N SER A 59 6.57 11.88 -3.35
CA SER A 59 6.88 13.15 -2.72
C SER A 59 6.07 13.24 -1.44
N LYS A 60 5.14 12.29 -1.33
CA LYS A 60 4.36 12.09 -0.15
C LYS A 60 4.88 10.87 0.57
N SER A 61 5.23 11.00 1.82
CA SER A 61 5.57 9.84 2.60
C SER A 61 4.29 9.18 3.09
N GLY A 62 4.15 7.91 2.77
CA GLY A 62 2.88 7.25 2.96
C GLY A 62 2.66 6.77 4.37
N ASP A 63 1.90 7.54 5.12
CA ASP A 63 1.45 7.14 6.46
C ASP A 63 0.29 6.16 6.34
N GLY A 64 0.20 5.55 5.17
CA GLY A 64 -0.92 4.69 4.85
C GLY A 64 -0.43 3.34 4.39
N CYS A 65 0.65 2.91 4.98
CA CYS A 65 1.18 1.58 4.74
C CYS A 65 1.00 0.78 6.01
N VAL A 66 1.33 -0.47 5.96
CA VAL A 66 1.36 -1.29 7.15
C VAL A 66 2.74 -1.87 7.28
N ASP A 67 3.18 -2.07 8.49
CA ASP A 67 4.53 -2.57 8.72
C ASP A 67 4.48 -4.10 8.59
N ASP A 68 5.38 -4.81 9.21
CA ASP A 68 5.33 -6.26 9.12
C ASP A 68 4.16 -6.78 9.94
N CYS A 69 3.77 -6.05 10.95
CA CYS A 69 2.55 -6.35 11.68
C CYS A 69 1.48 -5.39 11.17
N GLY A 70 0.21 -5.68 11.41
CA GLY A 70 -0.83 -4.78 10.95
C GLY A 70 -0.90 -3.53 11.79
N SER A 71 0.06 -2.66 11.57
CA SER A 71 0.09 -1.33 12.12
C SER A 71 0.51 -0.39 11.00
N MET A 72 -0.21 0.70 10.83
CA MET A 72 0.09 1.60 9.74
C MET A 72 1.44 2.27 9.94
N THR A 73 2.37 1.93 9.07
CA THR A 73 3.70 2.49 9.09
C THR A 73 3.83 3.52 7.97
N SER A 74 4.80 4.40 8.09
CA SER A 74 5.03 5.39 7.08
C SER A 74 6.09 4.91 6.11
N CYS A 75 5.79 5.07 4.83
CA CYS A 75 6.70 4.68 3.75
C CYS A 75 6.31 5.40 2.47
N ARG A 76 7.30 5.91 1.76
CA ARG A 76 7.06 6.87 0.68
C ARG A 76 6.22 6.29 -0.44
N GLY A 77 5.08 6.91 -0.63
CA GLY A 77 4.14 6.50 -1.64
C GLY A 77 2.75 6.83 -1.17
N SER A 78 2.10 7.78 -1.79
CA SER A 78 0.75 8.14 -1.39
C SER A 78 0.04 8.96 -2.43
N VAL A 79 -1.24 8.69 -2.56
CA VAL A 79 -2.06 9.31 -3.58
C VAL A 79 -2.16 10.81 -3.36
N SER A 80 -1.48 11.56 -4.23
CA SER A 80 -1.49 13.01 -4.15
C SER A 80 -2.74 13.55 -4.81
N GLY A 81 -3.80 13.71 -4.03
CA GLY A 81 -5.07 14.13 -4.58
C GLY A 81 -5.94 12.95 -4.90
N PRO A 82 -6.73 13.06 -5.95
CA PRO A 82 -7.50 11.96 -6.51
C PRO A 82 -6.66 10.93 -7.27
N SER A 83 -7.01 9.67 -7.12
CA SER A 83 -6.39 8.61 -7.88
C SER A 83 -7.40 7.95 -8.82
N THR A 84 -6.94 7.64 -10.02
CA THR A 84 -7.81 7.06 -11.04
C THR A 84 -7.55 5.57 -11.17
N SER A 85 -6.31 5.22 -11.45
CA SER A 85 -5.91 3.84 -11.64
C SER A 85 -5.80 3.13 -10.29
N HIS A 86 -6.92 2.65 -9.78
CA HIS A 86 -6.95 2.10 -8.44
C HIS A 86 -8.08 1.08 -8.25
N LEU A 87 -7.96 0.28 -7.20
CA LEU A 87 -8.98 -0.69 -6.82
C LEU A 87 -9.20 -0.65 -5.32
N THR A 88 -10.42 -0.33 -4.90
CA THR A 88 -10.73 -0.35 -3.48
C THR A 88 -10.94 -1.77 -3.01
N ARG A 89 -9.87 -2.38 -2.52
CA ARG A 89 -9.99 -3.68 -1.89
C ARG A 89 -9.43 -3.60 -0.47
N PRO A 90 -10.09 -2.84 0.42
CA PRO A 90 -9.60 -2.66 1.79
C PRO A 90 -9.91 -3.86 2.65
N SER A 91 -10.96 -4.56 2.27
CA SER A 91 -11.33 -5.82 2.89
C SER A 91 -10.31 -6.90 2.55
N GLU A 92 -9.70 -6.74 1.38
CA GLU A 92 -8.76 -7.72 0.86
C GLU A 92 -7.33 -7.43 1.28
N LEU A 93 -6.94 -6.16 1.28
CA LEU A 93 -5.62 -5.78 1.76
C LEU A 93 -5.46 -6.15 3.23
N GLN A 94 -6.42 -5.76 4.05
CA GLN A 94 -6.32 -5.99 5.49
C GLN A 94 -6.44 -7.48 5.78
N ALA A 95 -6.97 -8.19 4.81
CA ALA A 95 -7.08 -9.63 4.89
C ALA A 95 -5.72 -10.29 4.85
N VAL A 96 -4.88 -9.85 3.92
CA VAL A 96 -3.55 -10.41 3.80
C VAL A 96 -2.67 -9.84 4.90
N ILE A 97 -3.02 -8.68 5.41
CA ILE A 97 -2.38 -8.19 6.60
C ILE A 97 -2.63 -9.19 7.71
N ASP A 98 -3.90 -9.39 8.01
CA ASP A 98 -4.32 -10.38 8.98
C ASP A 98 -3.77 -11.77 8.64
N SER A 99 -3.80 -12.13 7.37
CA SER A 99 -3.38 -13.45 6.92
C SER A 99 -1.85 -13.60 6.91
N ASP A 100 -1.18 -12.76 6.13
CA ASP A 100 0.27 -12.85 5.97
C ASP A 100 1.01 -12.40 7.22
N LYS A 101 0.30 -11.83 8.18
CA LYS A 101 0.90 -11.56 9.48
C LYS A 101 1.51 -12.84 10.07
N SER A 102 1.02 -13.98 9.62
CA SER A 102 1.60 -15.27 10.00
C SER A 102 2.99 -15.40 9.37
N ASN A 103 3.16 -14.79 8.21
CA ASN A 103 4.44 -14.74 7.50
C ASN A 103 5.32 -13.66 8.12
N TYR A 104 4.71 -12.52 8.39
CA TYR A 104 5.42 -11.38 8.95
C TYR A 104 4.53 -10.72 9.98
N CYS A 105 4.97 -10.67 11.22
CA CYS A 105 4.31 -9.90 12.25
C CYS A 105 5.19 -9.73 13.47
N THR A 106 5.18 -8.53 14.01
CA THR A 106 5.88 -8.22 15.23
C THR A 106 4.94 -8.15 16.43
N ASP A 107 5.46 -8.50 17.60
CA ASP A 107 4.73 -8.29 18.85
C ASP A 107 5.10 -6.92 19.43
N LYS A 108 6.33 -6.51 19.15
CA LYS A 108 6.77 -5.16 19.50
C LYS A 108 6.29 -4.19 18.44
N SER A 109 6.29 -4.65 17.20
CA SER A 109 5.89 -3.83 16.05
C SER A 109 6.62 -2.50 16.09
N GLU A 110 7.90 -2.56 15.78
CA GLU A 110 8.75 -1.40 15.84
C GLU A 110 8.48 -0.48 14.66
N GLN A 111 7.97 -1.07 13.57
CA GLN A 111 7.62 -0.36 12.33
C GLN A 111 8.68 0.69 11.96
N GLN A 112 8.30 1.76 11.29
CA GLN A 112 9.25 2.82 10.98
C GLN A 112 9.19 3.95 12.01
N PRO A 113 8.02 4.58 12.25
CA PRO A 113 7.88 5.62 13.26
C PRO A 113 7.76 5.02 14.67
N SER A 114 8.36 5.68 15.65
CA SER A 114 8.33 5.21 17.02
C SER A 114 6.88 5.19 17.55
N GLN A 115 6.43 6.36 17.99
CA GLN A 115 5.04 6.56 18.45
C GLN A 115 4.70 8.01 18.18
N ALA A 116 5.29 8.86 19.01
CA ALA A 116 5.32 10.28 18.77
C ALA A 116 6.76 10.67 18.52
N THR A 117 7.04 11.95 18.37
CA THR A 117 8.40 12.41 18.15
C THR A 117 8.89 13.30 19.29
N PRO A 118 9.45 12.68 20.35
CA PRO A 118 10.05 13.43 21.47
C PRO A 118 11.16 14.39 21.02
N PRO A 119 12.20 13.92 20.28
CA PRO A 119 13.17 14.83 19.69
C PRO A 119 12.63 15.47 18.42
N PRO A 120 12.56 16.80 18.38
CA PRO A 120 11.98 17.52 17.25
C PRO A 120 12.94 17.64 16.06
N GLU A 121 12.88 16.68 15.15
CA GLU A 121 13.60 16.79 13.89
C GLU A 121 12.91 17.82 13.00
N ILE A 122 13.20 19.08 13.28
CA ILE A 122 12.61 20.18 12.51
C ILE A 122 13.03 20.12 11.04
N PRO A 123 14.35 20.10 10.74
CA PRO A 123 14.83 19.97 9.36
C PRO A 123 14.58 18.58 8.80
N ALA A 1 6.54 -12.01 -1.16
CA ALA A 1 6.74 -10.68 -0.55
C ALA A 1 7.60 -10.77 0.70
N PRO A 2 8.53 -9.84 0.85
CA PRO A 2 9.43 -9.77 1.99
C PRO A 2 8.74 -9.30 3.26
N THR A 3 7.78 -8.41 3.11
CA THR A 3 7.09 -7.86 4.27
C THR A 3 5.59 -7.86 4.07
N LEU A 4 4.85 -7.54 5.11
CA LEU A 4 3.41 -7.63 5.08
C LEU A 4 2.84 -6.60 4.10
N GLN A 5 3.44 -5.43 4.05
CA GLN A 5 3.03 -4.39 3.12
C GLN A 5 3.27 -4.82 1.68
N GLU A 6 4.37 -5.52 1.43
CA GLU A 6 4.66 -6.01 0.09
C GLU A 6 3.67 -7.12 -0.28
N ALA A 7 3.19 -7.83 0.73
CA ALA A 7 2.17 -8.86 0.54
C ALA A 7 0.88 -8.22 0.09
N LEU A 8 0.68 -6.99 0.53
CA LEU A 8 -0.44 -6.20 0.07
C LEU A 8 -0.25 -5.82 -1.38
N ASP A 9 0.93 -5.29 -1.68
CA ASP A 9 1.34 -4.98 -3.06
C ASP A 9 1.20 -6.21 -3.95
N ARG A 10 1.23 -7.37 -3.31
CA ARG A 10 1.22 -8.64 -4.00
C ARG A 10 -0.22 -9.04 -4.30
N LYS A 11 -1.13 -8.64 -3.43
CA LYS A 11 -2.54 -8.81 -3.68
C LYS A 11 -2.99 -7.73 -4.67
N CYS A 12 -2.45 -6.54 -4.46
CA CYS A 12 -2.62 -5.41 -5.36
C CYS A 12 -2.26 -5.79 -6.78
N ALA A 13 -1.22 -6.60 -6.92
CA ALA A 13 -0.75 -7.02 -8.22
C ALA A 13 -1.69 -8.08 -8.80
N GLN A 14 -2.43 -8.74 -7.92
CA GLN A 14 -3.40 -9.75 -8.34
C GLN A 14 -4.64 -9.10 -8.92
N PHE A 15 -4.96 -7.92 -8.42
CA PHE A 15 -6.15 -7.19 -8.86
C PHE A 15 -5.77 -6.18 -9.94
N GLY A 16 -4.88 -5.25 -9.58
CA GLY A 16 -4.47 -4.21 -10.48
C GLY A 16 -4.06 -4.75 -11.82
N LYS A 17 -3.04 -5.56 -11.82
CA LYS A 17 -2.48 -6.06 -13.05
C LYS A 17 -3.39 -7.09 -13.69
N GLU A 18 -4.33 -7.62 -12.92
CA GLU A 18 -5.40 -8.44 -13.49
C GLU A 18 -6.27 -7.58 -14.38
N SER A 19 -6.61 -6.38 -13.90
CA SER A 19 -7.28 -5.40 -14.71
C SER A 19 -6.43 -5.10 -15.94
N CYS A 20 -5.13 -4.96 -15.72
CA CYS A 20 -4.18 -4.76 -16.79
C CYS A 20 -4.23 -5.92 -17.79
N ASN A 21 -4.36 -7.15 -17.28
CA ASN A 21 -4.50 -8.32 -18.13
C ASN A 21 -5.82 -8.29 -18.89
N SER A 22 -6.85 -7.74 -18.25
CA SER A 22 -8.18 -7.67 -18.85
C SER A 22 -8.26 -6.57 -19.90
N GLY A 23 -7.36 -5.60 -19.82
CA GLY A 23 -7.32 -4.55 -20.82
C GLY A 23 -7.21 -3.16 -20.22
N LEU A 24 -6.90 -3.09 -18.94
CA LEU A 24 -6.70 -1.80 -18.29
C LEU A 24 -5.32 -1.26 -18.56
N ALA A 25 -5.27 -0.24 -19.39
CA ALA A 25 -4.02 0.33 -19.85
C ALA A 25 -3.25 1.00 -18.71
N SER A 26 -3.94 1.25 -17.61
CA SER A 26 -3.31 1.88 -16.47
C SER A 26 -2.30 0.93 -15.80
N TYR A 27 -2.78 -0.21 -15.30
CA TYR A 27 -1.92 -1.14 -14.59
C TYR A 27 -0.93 -1.82 -15.53
N CYS A 28 -1.18 -1.69 -16.84
CA CYS A 28 -0.30 -2.24 -17.83
C CYS A 28 1.06 -1.55 -17.78
N GLY A 29 2.11 -2.31 -17.49
CA GLY A 29 3.44 -1.73 -17.39
C GLY A 29 3.60 -0.86 -16.15
N ALA A 30 2.64 -0.94 -15.23
CA ALA A 30 2.68 -0.17 -14.01
C ALA A 30 3.05 -1.04 -12.81
N ALA A 31 3.47 -0.37 -11.75
CA ALA A 31 3.80 -1.03 -10.49
C ALA A 31 2.72 -0.74 -9.49
N ILE A 32 1.97 -1.73 -9.06
CA ILE A 32 0.84 -1.44 -8.19
C ILE A 32 1.19 -1.73 -6.74
N TYR A 33 0.84 -0.78 -5.88
CA TYR A 33 1.19 -0.84 -4.49
C TYR A 33 -0.06 -0.70 -3.62
N ALA A 34 0.02 -1.20 -2.41
CA ALA A 34 -1.03 -1.04 -1.44
C ALA A 34 -0.85 0.24 -0.69
N ARG A 35 -1.82 1.11 -0.77
CA ARG A 35 -1.76 2.34 -0.01
C ARG A 35 -3.11 2.62 0.62
N TYR A 36 -3.11 2.70 1.93
CA TYR A 36 -4.26 3.12 2.68
C TYR A 36 -4.38 4.63 2.52
N ASP A 37 -5.09 5.04 1.48
CA ASP A 37 -5.17 6.45 1.12
C ASP A 37 -6.47 6.71 0.37
N LYS A 38 -6.58 7.88 -0.23
CA LYS A 38 -7.76 8.22 -1.02
C LYS A 38 -7.64 7.65 -2.42
N GLY A 39 -8.76 7.51 -3.11
CA GLY A 39 -8.73 7.10 -4.50
C GLY A 39 -8.77 8.31 -5.42
N ASN A 40 -9.78 8.37 -6.28
CA ASN A 40 -10.00 9.56 -7.10
C ASN A 40 -10.64 10.65 -6.22
N SER A 41 -11.07 11.76 -6.83
CA SER A 41 -11.59 12.89 -6.06
C SER A 41 -12.74 12.49 -5.13
N SER A 42 -13.72 11.78 -5.67
CA SER A 42 -14.89 11.38 -4.90
C SER A 42 -14.57 10.19 -3.99
N GLN A 43 -13.38 9.62 -4.17
CA GLN A 43 -12.98 8.39 -3.49
C GLN A 43 -12.05 8.68 -2.32
N GLN A 44 -12.16 9.87 -1.72
CA GLN A 44 -11.33 10.24 -0.56
C GLN A 44 -11.58 9.30 0.64
N THR A 45 -11.21 9.75 1.85
CA THR A 45 -11.22 8.93 3.07
C THR A 45 -10.39 7.67 2.91
N LYS A 46 -9.20 7.69 3.49
CA LYS A 46 -8.24 6.61 3.33
C LYS A 46 -8.82 5.26 3.70
N GLU A 47 -8.71 4.34 2.76
CA GLU A 47 -9.02 2.94 2.98
C GLU A 47 -8.05 2.13 2.15
N TRP A 48 -7.72 0.94 2.61
CA TRP A 48 -6.78 0.10 1.89
C TRP A 48 -7.22 -0.10 0.45
N ARG A 49 -6.40 0.35 -0.47
CA ARG A 49 -6.70 0.19 -1.87
C ARG A 49 -5.43 -0.11 -2.64
N CYS A 50 -5.60 -0.53 -3.88
CA CYS A 50 -4.49 -0.83 -4.73
C CYS A 50 -4.27 0.34 -5.67
N TYR A 51 -3.07 0.91 -5.62
CA TYR A 51 -2.73 2.07 -6.43
C TYR A 51 -1.46 1.79 -7.19
N ILE A 52 -1.48 1.90 -8.50
CA ILE A 52 -0.24 1.77 -9.24
C ILE A 52 0.61 3.02 -9.05
N GLU A 53 1.92 2.83 -9.13
CA GLU A 53 2.91 3.88 -8.90
C GLU A 53 2.62 5.11 -9.74
N LYS A 54 1.87 4.89 -10.81
CA LYS A 54 1.38 5.96 -11.67
C LYS A 54 0.74 7.06 -10.86
N GLU A 55 -0.03 6.61 -9.88
CA GLU A 55 -0.97 7.45 -9.19
C GLU A 55 -0.41 7.94 -7.86
N LEU A 56 0.41 7.14 -7.19
CA LEU A 56 1.00 7.53 -5.94
C LEU A 56 1.97 8.67 -6.14
N ASP A 57 2.33 9.28 -5.04
CA ASP A 57 3.31 10.34 -5.02
C ASP A 57 4.40 9.97 -4.01
N PHE A 58 5.62 9.80 -4.49
CA PHE A 58 6.72 9.42 -3.62
C PHE A 58 7.38 10.64 -3.02
N SER A 59 6.75 11.79 -3.17
CA SER A 59 7.15 12.97 -2.43
C SER A 59 6.24 13.07 -1.21
N LYS A 60 5.31 12.14 -1.16
CA LYS A 60 4.46 11.94 -0.01
C LYS A 60 4.95 10.72 0.71
N SER A 61 5.17 10.82 2.00
CA SER A 61 5.46 9.64 2.75
C SER A 61 4.16 9.03 3.23
N GLY A 62 3.91 7.83 2.77
CA GLY A 62 2.63 7.21 2.94
C GLY A 62 2.41 6.70 4.33
N ASP A 63 1.64 7.44 5.10
CA ASP A 63 1.22 7.01 6.43
C ASP A 63 0.06 6.03 6.28
N GLY A 64 0.02 5.39 5.11
CA GLY A 64 -1.06 4.50 4.76
C GLY A 64 -0.52 3.15 4.36
N CYS A 65 0.58 2.76 4.96
CA CYS A 65 1.16 1.45 4.72
C CYS A 65 1.07 0.65 6.00
N VAL A 66 1.47 -0.59 5.97
CA VAL A 66 1.47 -1.40 7.17
C VAL A 66 2.84 -1.99 7.40
N ASP A 67 3.17 -2.12 8.67
CA ASP A 67 4.44 -2.66 9.11
C ASP A 67 4.39 -4.20 9.00
N ASP A 68 5.20 -4.91 9.76
CA ASP A 68 5.15 -6.36 9.75
C ASP A 68 3.83 -6.86 10.27
N CYS A 69 3.37 -6.29 11.37
CA CYS A 69 2.05 -6.59 11.89
C CYS A 69 1.11 -5.53 11.35
N GLY A 70 -0.20 -5.69 11.54
CA GLY A 70 -1.12 -4.74 10.97
C GLY A 70 -1.17 -3.47 11.79
N SER A 71 -0.10 -2.71 11.66
CA SER A 71 0.01 -1.39 12.22
C SER A 71 0.52 -0.49 11.13
N MET A 72 -0.07 0.67 10.98
CA MET A 72 0.22 1.49 9.82
C MET A 72 1.55 2.20 9.96
N THR A 73 2.44 1.86 9.06
CA THR A 73 3.77 2.45 9.02
C THR A 73 3.83 3.50 7.92
N SER A 74 4.69 4.47 8.08
CA SER A 74 4.88 5.50 7.09
C SER A 74 5.97 5.09 6.10
N CYS A 75 5.56 4.96 4.84
CA CYS A 75 6.47 4.56 3.76
C CYS A 75 6.12 5.33 2.50
N ARG A 76 7.13 5.88 1.84
CA ARG A 76 6.94 6.81 0.73
C ARG A 76 6.14 6.20 -0.39
N GLY A 77 5.01 6.83 -0.65
CA GLY A 77 4.06 6.36 -1.63
C GLY A 77 2.68 6.76 -1.19
N SER A 78 2.04 7.68 -1.88
CA SER A 78 0.74 8.14 -1.43
C SER A 78 -0.01 8.90 -2.47
N VAL A 79 -1.31 8.75 -2.40
CA VAL A 79 -2.21 9.38 -3.33
C VAL A 79 -2.41 10.85 -2.95
N SER A 80 -1.64 11.70 -3.60
CA SER A 80 -1.71 13.13 -3.36
C SER A 80 -3.01 13.70 -3.90
N GLY A 81 -3.17 13.62 -5.22
CA GLY A 81 -4.40 13.99 -5.85
C GLY A 81 -5.15 12.78 -6.30
N PRO A 82 -6.30 12.96 -6.96
CA PRO A 82 -7.14 11.87 -7.43
C PRO A 82 -6.39 10.82 -8.24
N SER A 83 -6.40 9.60 -7.75
CA SER A 83 -5.80 8.48 -8.45
C SER A 83 -6.89 7.69 -9.18
N THR A 84 -6.79 7.65 -10.50
CA THR A 84 -7.76 6.94 -11.31
C THR A 84 -7.52 5.44 -11.20
N SER A 85 -6.27 5.02 -11.42
CA SER A 85 -5.95 3.64 -11.20
C SER A 85 -6.14 3.31 -9.74
N HIS A 86 -7.05 2.40 -9.44
CA HIS A 86 -7.14 1.90 -8.10
C HIS A 86 -8.18 0.80 -7.97
N LEU A 87 -7.99 -0.01 -6.96
CA LEU A 87 -8.96 -1.02 -6.58
C LEU A 87 -9.17 -0.96 -5.08
N THR A 88 -10.35 -0.53 -4.66
CA THR A 88 -10.64 -0.46 -3.24
C THR A 88 -10.91 -1.85 -2.70
N ARG A 89 -9.86 -2.49 -2.19
CA ARG A 89 -10.03 -3.73 -1.48
C ARG A 89 -9.49 -3.58 -0.07
N PRO A 90 -10.14 -2.77 0.75
CA PRO A 90 -9.67 -2.53 2.11
C PRO A 90 -9.99 -3.71 3.00
N SER A 91 -10.91 -4.54 2.52
CA SER A 91 -11.17 -5.83 3.12
C SER A 91 -9.96 -6.72 2.90
N GLU A 92 -9.56 -6.81 1.63
CA GLU A 92 -8.50 -7.68 1.19
C GLU A 92 -7.16 -7.30 1.79
N LEU A 93 -6.75 -6.07 1.55
CA LEU A 93 -5.46 -5.58 2.05
C LEU A 93 -5.31 -5.90 3.54
N GLN A 94 -6.28 -5.49 4.33
CA GLN A 94 -6.19 -5.64 5.77
C GLN A 94 -6.34 -7.12 6.12
N ALA A 95 -6.83 -7.89 5.15
CA ALA A 95 -7.00 -9.32 5.31
C ALA A 95 -5.68 -10.05 5.18
N VAL A 96 -4.91 -9.74 4.12
CA VAL A 96 -3.61 -10.38 3.97
C VAL A 96 -2.68 -9.81 5.01
N ILE A 97 -2.98 -8.61 5.48
CA ILE A 97 -2.32 -8.12 6.66
C ILE A 97 -2.54 -9.11 7.77
N ASP A 98 -3.80 -9.32 8.10
CA ASP A 98 -4.20 -10.28 9.12
C ASP A 98 -3.70 -11.70 8.81
N SER A 99 -3.71 -12.05 7.52
CA SER A 99 -3.33 -13.39 7.08
C SER A 99 -1.81 -13.55 6.95
N ASP A 100 -1.20 -12.77 6.07
CA ASP A 100 0.25 -12.82 5.83
C ASP A 100 1.02 -12.42 7.08
N LYS A 101 0.33 -11.91 8.09
CA LYS A 101 0.95 -11.69 9.39
C LYS A 101 1.57 -12.99 9.93
N SER A 102 1.07 -14.11 9.43
CA SER A 102 1.66 -15.42 9.74
C SER A 102 3.06 -15.50 9.12
N ASN A 103 3.27 -14.69 8.08
CA ASN A 103 4.55 -14.60 7.39
C ASN A 103 5.37 -13.46 8.00
N TYR A 104 4.69 -12.38 8.34
CA TYR A 104 5.33 -11.20 8.90
C TYR A 104 4.40 -10.59 9.93
N CYS A 105 4.89 -10.45 11.13
CA CYS A 105 4.18 -9.78 12.19
C CYS A 105 5.20 -9.42 13.25
N THR A 106 4.82 -8.61 14.22
CA THR A 106 5.78 -7.99 15.12
C THR A 106 6.73 -9.00 15.74
N ASP A 107 7.97 -8.99 15.26
CA ASP A 107 9.05 -9.75 15.86
C ASP A 107 10.26 -8.84 15.99
N LYS A 108 10.38 -7.91 15.05
CA LYS A 108 11.39 -6.87 15.14
C LYS A 108 10.79 -5.53 14.73
N SER A 109 9.62 -5.56 14.10
CA SER A 109 8.97 -4.37 13.57
C SER A 109 9.85 -3.75 12.48
N GLU A 110 9.61 -4.19 11.24
CA GLU A 110 10.49 -3.84 10.13
C GLU A 110 10.05 -2.53 9.48
N GLN A 111 9.42 -1.67 10.26
CA GLN A 111 9.00 -0.36 9.78
C GLN A 111 10.17 0.62 9.81
N GLN A 112 9.94 1.84 9.37
CA GLN A 112 10.98 2.84 9.34
C GLN A 112 10.47 4.17 9.90
N PRO A 113 10.40 4.29 11.24
CA PRO A 113 9.95 5.50 11.90
C PRO A 113 11.10 6.48 12.15
N SER A 114 12.07 6.47 11.26
CA SER A 114 13.25 7.29 11.38
C SER A 114 13.83 7.60 10.01
N GLN A 115 14.50 8.73 9.88
CA GLN A 115 15.13 9.12 8.63
C GLN A 115 16.40 8.33 8.40
N ALA A 116 16.26 7.13 7.89
CA ALA A 116 17.40 6.25 7.64
C ALA A 116 18.05 6.57 6.30
N THR A 117 18.53 7.79 6.17
CA THR A 117 19.21 8.22 4.95
C THR A 117 20.74 8.05 5.09
N PRO A 118 21.37 8.62 6.16
CA PRO A 118 22.81 8.47 6.38
C PRO A 118 23.24 7.00 6.41
N PRO A 119 24.17 6.61 5.52
CA PRO A 119 24.67 5.25 5.44
C PRO A 119 25.72 4.97 6.52
N PRO A 120 25.86 3.69 6.94
CA PRO A 120 26.86 3.28 7.91
C PRO A 120 28.27 3.30 7.33
N GLU A 121 28.64 4.42 6.76
CA GLU A 121 29.95 4.60 6.14
C GLU A 121 30.61 5.86 6.68
N ILE A 122 30.37 6.14 7.95
CA ILE A 122 30.94 7.32 8.60
C ILE A 122 32.28 6.96 9.25
N PRO A 123 33.34 7.69 8.88
CA PRO A 123 34.67 7.49 9.46
C PRO A 123 34.70 7.82 10.95
N ALA A 1 6.55 -12.23 -1.26
CA ALA A 1 6.71 -10.92 -0.60
C ALA A 1 7.50 -11.06 0.69
N PRO A 2 8.46 -10.16 0.87
CA PRO A 2 9.35 -10.14 2.03
C PRO A 2 8.71 -9.60 3.29
N THR A 3 7.81 -8.64 3.12
CA THR A 3 7.16 -8.02 4.25
C THR A 3 5.66 -7.98 4.07
N LEU A 4 4.93 -7.66 5.12
CA LEU A 4 3.47 -7.75 5.09
C LEU A 4 2.87 -6.78 4.08
N GLN A 5 3.42 -5.57 3.99
CA GLN A 5 2.90 -4.60 3.04
C GLN A 5 3.22 -5.02 1.61
N GLU A 6 4.30 -5.77 1.42
CA GLU A 6 4.64 -6.26 0.11
C GLU A 6 3.68 -7.38 -0.27
N ALA A 7 3.10 -8.01 0.74
CA ALA A 7 2.06 -9.00 0.52
C ALA A 7 0.78 -8.28 0.12
N LEU A 8 0.66 -7.06 0.60
CA LEU A 8 -0.42 -6.18 0.16
C LEU A 8 -0.20 -5.79 -1.29
N ASP A 9 1.03 -5.38 -1.60
CA ASP A 9 1.47 -5.09 -2.95
C ASP A 9 1.17 -6.28 -3.87
N ARG A 10 1.26 -7.47 -3.28
CA ARG A 10 1.06 -8.72 -3.99
C ARG A 10 -0.42 -8.99 -4.18
N LYS A 11 -1.20 -8.53 -3.22
CA LYS A 11 -2.65 -8.56 -3.31
C LYS A 11 -3.09 -7.53 -4.34
N CYS A 12 -2.43 -6.38 -4.27
CA CYS A 12 -2.59 -5.29 -5.21
C CYS A 12 -2.28 -5.71 -6.63
N ALA A 13 -1.27 -6.55 -6.78
CA ALA A 13 -0.85 -7.03 -8.10
C ALA A 13 -1.89 -7.98 -8.67
N GLN A 14 -2.63 -8.62 -7.78
CA GLN A 14 -3.65 -9.58 -8.15
C GLN A 14 -4.92 -8.90 -8.64
N PHE A 15 -5.14 -7.69 -8.19
CA PHE A 15 -6.29 -6.91 -8.62
C PHE A 15 -5.92 -5.91 -9.70
N GLY A 16 -4.92 -5.09 -9.41
CA GLY A 16 -4.46 -4.09 -10.35
C GLY A 16 -4.14 -4.67 -11.70
N LYS A 17 -3.18 -5.58 -11.72
CA LYS A 17 -2.70 -6.12 -12.97
C LYS A 17 -3.71 -7.11 -13.54
N GLU A 18 -4.62 -7.59 -12.70
CA GLU A 18 -5.76 -8.35 -13.21
C GLU A 18 -6.59 -7.46 -14.13
N SER A 19 -6.70 -6.19 -13.75
CA SER A 19 -7.33 -5.20 -14.59
C SER A 19 -6.48 -4.97 -15.83
N CYS A 20 -5.17 -4.97 -15.63
CA CYS A 20 -4.21 -4.84 -16.72
C CYS A 20 -4.38 -5.99 -17.71
N ASN A 21 -4.74 -7.15 -17.17
CA ASN A 21 -4.94 -8.35 -17.97
C ASN A 21 -6.27 -8.32 -18.73
N SER A 22 -7.27 -7.66 -18.16
CA SER A 22 -8.57 -7.54 -18.82
C SER A 22 -8.55 -6.45 -19.88
N GLY A 23 -7.62 -5.51 -19.75
CA GLY A 23 -7.45 -4.49 -20.77
C GLY A 23 -7.00 -3.15 -20.22
N LEU A 24 -6.96 -3.01 -18.90
CA LEU A 24 -6.59 -1.76 -18.28
C LEU A 24 -5.14 -1.41 -18.57
N ALA A 25 -4.98 -0.40 -19.40
CA ALA A 25 -3.68 0.06 -19.84
C ALA A 25 -2.89 0.59 -18.67
N SER A 26 -3.61 1.16 -17.74
CA SER A 26 -3.04 1.76 -16.55
C SER A 26 -2.10 0.82 -15.82
N TYR A 27 -2.60 -0.32 -15.36
CA TYR A 27 -1.80 -1.26 -14.59
C TYR A 27 -0.84 -2.04 -15.50
N CYS A 28 -1.07 -1.95 -16.80
CA CYS A 28 -0.23 -2.65 -17.76
C CYS A 28 1.16 -2.02 -17.80
N GLY A 29 2.14 -2.72 -17.23
CA GLY A 29 3.49 -2.20 -17.15
C GLY A 29 3.70 -1.32 -15.93
N ALA A 30 2.65 -1.18 -15.14
CA ALA A 30 2.68 -0.32 -13.96
C ALA A 30 3.15 -1.08 -12.74
N ALA A 31 3.51 -0.34 -11.70
CA ALA A 31 3.88 -0.92 -10.42
C ALA A 31 2.78 -0.63 -9.44
N ILE A 32 2.04 -1.64 -9.00
CA ILE A 32 0.92 -1.37 -8.12
C ILE A 32 1.27 -1.66 -6.66
N TYR A 33 0.95 -0.72 -5.80
CA TYR A 33 1.32 -0.80 -4.41
C TYR A 33 0.08 -0.68 -3.54
N ALA A 34 0.23 -1.05 -2.27
CA ALA A 34 -0.87 -0.94 -1.33
C ALA A 34 -0.74 0.33 -0.54
N ARG A 35 -1.72 1.18 -0.65
CA ARG A 35 -1.72 2.40 0.11
C ARG A 35 -3.09 2.64 0.71
N TYR A 36 -3.14 2.70 2.03
CA TYR A 36 -4.34 3.09 2.73
C TYR A 36 -4.50 4.59 2.60
N ASP A 37 -5.11 5.02 1.50
CA ASP A 37 -5.24 6.43 1.20
C ASP A 37 -6.54 6.70 0.49
N LYS A 38 -6.73 7.92 0.04
CA LYS A 38 -7.89 8.27 -0.76
C LYS A 38 -7.74 7.73 -2.16
N GLY A 39 -8.85 7.49 -2.81
CA GLY A 39 -8.82 7.06 -4.18
C GLY A 39 -8.95 8.24 -5.11
N ASN A 40 -9.96 8.19 -5.95
CA ASN A 40 -10.26 9.26 -6.88
C ASN A 40 -10.86 10.45 -6.09
N SER A 41 -11.22 11.52 -6.79
CA SER A 41 -11.62 12.77 -6.14
C SER A 41 -12.73 12.58 -5.11
N SER A 42 -13.86 12.02 -5.54
CA SER A 42 -14.99 11.81 -4.65
C SER A 42 -14.79 10.52 -3.86
N GLN A 43 -13.77 9.77 -4.24
CA GLN A 43 -13.45 8.49 -3.64
C GLN A 43 -12.42 8.65 -2.53
N GLN A 44 -12.42 9.82 -1.91
CA GLN A 44 -11.59 10.13 -0.74
C GLN A 44 -11.84 9.14 0.42
N THR A 45 -11.49 9.54 1.65
CA THR A 45 -11.46 8.66 2.83
C THR A 45 -10.53 7.48 2.62
N LYS A 46 -9.46 7.43 3.40
CA LYS A 46 -8.47 6.38 3.27
C LYS A 46 -9.07 5.02 3.58
N GLU A 47 -8.90 4.13 2.63
CA GLU A 47 -9.20 2.71 2.79
C GLU A 47 -8.17 1.96 1.98
N TRP A 48 -7.86 0.75 2.38
CA TRP A 48 -6.89 -0.02 1.66
C TRP A 48 -7.30 -0.18 0.21
N ARG A 49 -6.58 0.45 -0.67
CA ARG A 49 -6.85 0.34 -2.07
C ARG A 49 -5.58 -0.06 -2.77
N CYS A 50 -5.70 -0.47 -4.01
CA CYS A 50 -4.55 -0.81 -4.78
C CYS A 50 -4.27 0.35 -5.69
N TYR A 51 -3.09 0.91 -5.55
CA TYR A 51 -2.70 2.08 -6.30
C TYR A 51 -1.44 1.80 -7.08
N ILE A 52 -1.51 1.90 -8.38
CA ILE A 52 -0.31 1.82 -9.16
C ILE A 52 0.51 3.07 -8.97
N GLU A 53 1.82 2.91 -9.06
CA GLU A 53 2.80 3.95 -8.81
C GLU A 53 2.46 5.25 -9.55
N LYS A 54 1.71 5.09 -10.64
CA LYS A 54 1.18 6.21 -11.40
C LYS A 54 0.41 7.18 -10.50
N GLU A 55 -0.36 6.60 -9.59
CA GLU A 55 -1.35 7.32 -8.84
C GLU A 55 -0.84 7.74 -7.45
N LEU A 56 0.29 7.19 -7.03
CA LEU A 56 0.91 7.59 -5.78
C LEU A 56 1.81 8.79 -5.99
N ASP A 57 2.33 9.28 -4.89
CA ASP A 57 3.35 10.31 -4.89
C ASP A 57 4.45 9.90 -3.92
N PHE A 58 5.67 9.79 -4.42
CA PHE A 58 6.78 9.36 -3.59
C PHE A 58 7.50 10.56 -2.97
N SER A 59 6.91 11.74 -3.13
CA SER A 59 7.39 12.91 -2.45
C SER A 59 6.56 13.04 -1.18
N LYS A 60 5.58 12.15 -1.10
CA LYS A 60 4.76 11.99 0.06
C LYS A 60 5.21 10.73 0.77
N SER A 61 5.48 10.82 2.05
CA SER A 61 5.75 9.63 2.81
C SER A 61 4.43 9.04 3.23
N GLY A 62 4.18 7.83 2.81
CA GLY A 62 2.88 7.24 3.00
C GLY A 62 2.69 6.73 4.39
N ASP A 63 2.04 7.53 5.22
CA ASP A 63 1.67 7.11 6.57
C ASP A 63 0.40 6.25 6.47
N GLY A 64 0.22 5.66 5.31
CA GLY A 64 -0.96 4.89 5.02
C GLY A 64 -0.59 3.48 4.60
N CYS A 65 0.56 3.06 5.06
CA CYS A 65 1.04 1.72 4.79
C CYS A 65 0.91 0.91 6.06
N VAL A 66 1.08 -0.38 5.94
CA VAL A 66 1.20 -1.23 7.09
C VAL A 66 2.62 -1.75 7.13
N ASP A 67 3.10 -1.97 8.32
CA ASP A 67 4.47 -2.42 8.51
C ASP A 67 4.50 -3.94 8.34
N ASP A 68 5.46 -4.63 8.93
CA ASP A 68 5.45 -6.09 8.85
C ASP A 68 4.31 -6.63 9.70
N CYS A 69 4.03 -5.95 10.80
CA CYS A 69 2.86 -6.24 11.59
C CYS A 69 1.74 -5.33 11.14
N GLY A 70 0.49 -5.77 11.26
CA GLY A 70 -0.63 -4.95 10.83
C GLY A 70 -0.85 -3.76 11.73
N SER A 71 0.07 -2.82 11.61
CA SER A 71 -0.04 -1.51 12.21
C SER A 71 0.46 -0.53 11.17
N MET A 72 -0.18 0.62 11.04
CA MET A 72 0.16 1.53 9.97
C MET A 72 1.55 2.11 10.16
N THR A 73 2.31 2.12 9.08
CA THR A 73 3.67 2.61 9.09
C THR A 73 3.85 3.62 7.97
N SER A 74 4.95 4.35 8.01
CA SER A 74 5.20 5.39 7.03
C SER A 74 6.22 4.92 5.99
N CYS A 75 5.79 4.85 4.75
CA CYS A 75 6.66 4.49 3.64
C CYS A 75 6.28 5.32 2.42
N ARG A 76 7.28 5.91 1.76
CA ARG A 76 7.03 6.88 0.68
C ARG A 76 6.16 6.30 -0.40
N GLY A 77 5.03 6.92 -0.58
CA GLY A 77 4.07 6.51 -1.57
C GLY A 77 2.71 6.82 -1.08
N SER A 78 2.03 7.75 -1.72
CA SER A 78 0.68 8.09 -1.29
C SER A 78 -0.04 8.94 -2.32
N VAL A 79 -1.33 8.73 -2.39
CA VAL A 79 -2.17 9.36 -3.39
C VAL A 79 -2.24 10.88 -3.16
N SER A 80 -1.41 11.60 -3.89
CA SER A 80 -1.35 13.06 -3.79
C SER A 80 -2.60 13.68 -4.42
N GLY A 81 -2.69 13.57 -5.73
CA GLY A 81 -3.89 13.95 -6.45
C GLY A 81 -4.80 12.76 -6.60
N PRO A 82 -6.04 12.98 -7.01
CA PRO A 82 -7.06 11.92 -7.05
C PRO A 82 -6.65 10.77 -7.95
N SER A 83 -6.65 9.57 -7.39
CA SER A 83 -6.15 8.41 -8.08
C SER A 83 -7.27 7.69 -8.84
N THR A 84 -7.10 7.60 -10.15
CA THR A 84 -8.08 6.93 -11.00
C THR A 84 -7.70 5.47 -11.17
N SER A 85 -6.42 5.23 -11.40
CA SER A 85 -5.92 3.89 -11.60
C SER A 85 -5.76 3.19 -10.25
N HIS A 86 -6.85 2.62 -9.76
CA HIS A 86 -6.85 2.07 -8.42
C HIS A 86 -8.01 1.09 -8.23
N LEU A 87 -7.87 0.24 -7.22
CA LEU A 87 -8.92 -0.71 -6.87
C LEU A 87 -9.17 -0.69 -5.37
N THR A 88 -10.40 -0.39 -4.96
CA THR A 88 -10.72 -0.40 -3.55
C THR A 88 -10.96 -1.82 -3.07
N ARG A 89 -9.92 -2.44 -2.56
CA ARG A 89 -10.07 -3.73 -1.93
C ARG A 89 -9.52 -3.67 -0.51
N PRO A 90 -10.16 -2.88 0.36
CA PRO A 90 -9.66 -2.68 1.72
C PRO A 90 -9.87 -3.91 2.59
N SER A 91 -10.95 -4.63 2.30
CA SER A 91 -11.23 -5.89 2.96
C SER A 91 -10.16 -6.91 2.62
N GLU A 92 -9.68 -6.83 1.38
CA GLU A 92 -8.75 -7.81 0.85
C GLU A 92 -7.31 -7.49 1.25
N LEU A 93 -6.94 -6.22 1.25
CA LEU A 93 -5.61 -5.83 1.73
C LEU A 93 -5.44 -6.22 3.20
N GLN A 94 -6.38 -5.78 4.04
CA GLN A 94 -6.25 -5.98 5.48
C GLN A 94 -6.40 -7.46 5.80
N ALA A 95 -6.95 -8.19 4.85
CA ALA A 95 -7.08 -9.64 4.95
C ALA A 95 -5.73 -10.30 4.93
N VAL A 96 -4.86 -9.90 4.00
CA VAL A 96 -3.55 -10.48 3.90
C VAL A 96 -2.69 -9.92 5.01
N ILE A 97 -3.04 -8.74 5.48
CA ILE A 97 -2.41 -8.23 6.67
C ILE A 97 -2.70 -9.20 7.80
N ASP A 98 -3.97 -9.36 8.10
CA ASP A 98 -4.44 -10.31 9.10
C ASP A 98 -3.88 -11.72 8.85
N SER A 99 -3.81 -12.12 7.58
CA SER A 99 -3.35 -13.45 7.22
C SER A 99 -1.83 -13.56 7.21
N ASP A 100 -1.19 -12.79 6.33
CA ASP A 100 0.26 -12.86 6.15
C ASP A 100 1.02 -12.36 7.37
N LYS A 101 0.32 -11.76 8.31
CA LYS A 101 0.94 -11.41 9.59
C LYS A 101 1.60 -12.64 10.23
N SER A 102 1.13 -13.83 9.86
CA SER A 102 1.77 -15.06 10.30
C SER A 102 3.14 -15.19 9.62
N ASN A 103 3.23 -14.64 8.41
CA ASN A 103 4.47 -14.62 7.65
C ASN A 103 5.36 -13.50 8.17
N TYR A 104 4.74 -12.36 8.46
CA TYR A 104 5.46 -11.20 8.96
C TYR A 104 4.62 -10.52 10.00
N CYS A 105 5.14 -10.44 11.21
CA CYS A 105 4.56 -9.60 12.24
C CYS A 105 5.55 -9.43 13.40
N THR A 106 5.85 -8.20 13.74
CA THR A 106 6.66 -7.89 14.90
C THR A 106 5.78 -7.44 16.05
N ASP A 107 6.34 -7.41 17.25
CA ASP A 107 5.59 -6.98 18.43
C ASP A 107 5.13 -5.53 18.24
N LYS A 108 6.09 -4.65 18.00
CA LYS A 108 5.81 -3.25 17.73
C LYS A 108 6.77 -2.74 16.67
N SER A 109 8.07 -2.88 16.92
CA SER A 109 9.11 -2.49 15.97
C SER A 109 8.91 -1.07 15.45
N GLU A 110 8.61 -0.16 16.40
CA GLU A 110 8.42 1.27 16.16
C GLU A 110 7.96 1.61 14.74
N GLN A 111 6.81 1.08 14.34
CA GLN A 111 6.24 1.38 13.03
C GLN A 111 5.88 2.87 12.93
N GLN A 112 5.70 3.35 11.70
CA GLN A 112 5.38 4.75 11.45
C GLN A 112 6.51 5.63 11.98
N PRO A 113 7.68 5.56 11.32
CA PRO A 113 8.92 6.17 11.80
C PRO A 113 8.88 7.70 11.86
N SER A 114 8.96 8.23 13.06
CA SER A 114 9.07 9.66 13.27
C SER A 114 10.54 10.06 13.26
N GLN A 115 11.40 9.09 13.56
CA GLN A 115 12.84 9.33 13.55
C GLN A 115 13.37 9.48 12.13
N ALA A 116 12.53 9.16 11.15
CA ALA A 116 12.86 9.38 9.76
C ALA A 116 12.56 10.83 9.38
N THR A 117 13.29 11.74 10.00
CA THR A 117 13.05 13.16 9.83
C THR A 117 13.88 13.73 8.70
N PRO A 118 13.23 14.32 7.69
CA PRO A 118 13.91 14.99 6.59
C PRO A 118 14.31 16.42 6.98
N PRO A 119 15.42 16.92 6.43
CA PRO A 119 15.89 18.28 6.68
C PRO A 119 14.96 19.31 6.06
N PRO A 120 14.68 20.43 6.77
CA PRO A 120 13.74 21.45 6.31
C PRO A 120 13.95 21.81 4.83
N GLU A 121 15.12 22.33 4.52
CA GLU A 121 15.49 22.60 3.14
C GLU A 121 16.13 21.37 2.53
N ILE A 122 15.31 20.55 1.89
CA ILE A 122 15.77 19.31 1.27
C ILE A 122 16.82 19.60 0.21
N PRO A 123 17.90 18.80 0.19
CA PRO A 123 18.96 18.93 -0.79
C PRO A 123 18.50 18.55 -2.19
N ALA A 1 6.70 -12.03 -0.91
CA ALA A 1 6.85 -10.64 -0.40
C ALA A 1 7.71 -10.63 0.86
N PRO A 2 8.61 -9.65 0.95
CA PRO A 2 9.53 -9.48 2.06
C PRO A 2 8.85 -8.95 3.32
N THR A 3 7.91 -8.05 3.14
CA THR A 3 7.22 -7.43 4.26
C THR A 3 5.71 -7.55 4.11
N LEU A 4 4.98 -7.34 5.20
CA LEU A 4 3.53 -7.52 5.18
C LEU A 4 2.87 -6.53 4.22
N GLN A 5 3.52 -5.40 3.98
CA GLN A 5 3.00 -4.40 3.08
C GLN A 5 3.30 -4.75 1.63
N GLU A 6 4.38 -5.49 1.39
CA GLU A 6 4.67 -5.98 0.05
C GLU A 6 3.67 -7.08 -0.30
N ALA A 7 3.23 -7.79 0.73
CA ALA A 7 2.19 -8.81 0.56
C ALA A 7 0.91 -8.12 0.12
N LEU A 8 0.77 -6.87 0.53
CA LEU A 8 -0.32 -6.04 0.08
C LEU A 8 -0.12 -5.62 -1.36
N ASP A 9 1.07 -5.15 -1.68
CA ASP A 9 1.45 -4.78 -3.06
C ASP A 9 1.25 -5.96 -3.99
N ARG A 10 1.37 -7.13 -3.42
CA ARG A 10 1.25 -8.38 -4.14
C ARG A 10 -0.22 -8.73 -4.34
N LYS A 11 -1.02 -8.42 -3.32
CA LYS A 11 -2.46 -8.55 -3.43
C LYS A 11 -2.95 -7.53 -4.44
N CYS A 12 -2.32 -6.36 -4.38
CA CYS A 12 -2.57 -5.27 -5.30
C CYS A 12 -2.27 -5.67 -6.73
N ALA A 13 -1.23 -6.47 -6.91
CA ALA A 13 -0.85 -6.93 -8.24
C ALA A 13 -1.85 -7.95 -8.75
N GLN A 14 -2.54 -8.58 -7.81
CA GLN A 14 -3.53 -9.59 -8.12
C GLN A 14 -4.84 -8.97 -8.59
N PHE A 15 -5.09 -7.75 -8.15
CA PHE A 15 -6.28 -7.02 -8.55
C PHE A 15 -5.98 -6.02 -9.67
N GLY A 16 -5.02 -5.15 -9.41
CA GLY A 16 -4.65 -4.13 -10.36
C GLY A 16 -4.32 -4.72 -11.71
N LYS A 17 -3.33 -5.58 -11.73
CA LYS A 17 -2.85 -6.14 -12.98
C LYS A 17 -3.81 -7.17 -13.51
N GLU A 18 -4.72 -7.63 -12.66
CA GLU A 18 -5.85 -8.43 -13.13
C GLU A 18 -6.77 -7.56 -13.97
N SER A 19 -6.98 -6.33 -13.53
CA SER A 19 -7.66 -5.32 -14.35
C SER A 19 -6.93 -5.18 -15.66
N CYS A 20 -5.62 -5.22 -15.60
CA CYS A 20 -4.81 -5.03 -16.76
C CYS A 20 -4.73 -6.28 -17.61
N ASN A 21 -4.93 -7.42 -16.99
CA ASN A 21 -5.07 -8.68 -17.72
C ASN A 21 -6.45 -8.77 -18.37
N SER A 22 -7.37 -7.94 -17.90
CA SER A 22 -8.73 -7.92 -18.42
C SER A 22 -8.88 -6.93 -19.58
N GLY A 23 -8.08 -5.87 -19.56
CA GLY A 23 -8.16 -4.88 -20.64
C GLY A 23 -7.82 -3.48 -20.20
N LEU A 24 -7.34 -3.33 -18.98
CA LEU A 24 -6.90 -2.04 -18.51
C LEU A 24 -5.50 -1.74 -19.05
N ALA A 25 -5.30 -0.51 -19.44
CA ALA A 25 -3.98 -0.05 -19.87
C ALA A 25 -3.12 0.46 -18.72
N SER A 26 -3.77 0.99 -17.69
CA SER A 26 -3.05 1.66 -16.60
C SER A 26 -2.09 0.72 -15.88
N TYR A 27 -2.60 -0.41 -15.40
CA TYR A 27 -1.82 -1.37 -14.63
C TYR A 27 -0.78 -2.09 -15.50
N CYS A 28 -0.83 -1.88 -16.83
CA CYS A 28 0.00 -2.64 -17.75
C CYS A 28 1.47 -2.28 -17.57
N GLY A 29 2.22 -3.20 -16.99
CA GLY A 29 3.63 -2.95 -16.71
C GLY A 29 3.79 -1.96 -15.57
N ALA A 30 2.70 -1.67 -14.88
CA ALA A 30 2.70 -0.71 -13.80
C ALA A 30 2.97 -1.37 -12.46
N ALA A 31 3.70 -0.68 -11.63
CA ALA A 31 3.99 -1.13 -10.29
C ALA A 31 2.84 -0.78 -9.37
N ILE A 32 2.04 -1.75 -8.97
CA ILE A 32 0.88 -1.43 -8.15
C ILE A 32 1.17 -1.72 -6.69
N TYR A 33 0.87 -0.73 -5.86
CA TYR A 33 1.20 -0.79 -4.45
C TYR A 33 -0.05 -0.65 -3.60
N ALA A 34 0.05 -1.09 -2.36
CA ALA A 34 -1.01 -0.92 -1.40
C ALA A 34 -0.82 0.36 -0.65
N ARG A 35 -1.81 1.22 -0.67
CA ARG A 35 -1.75 2.42 0.11
C ARG A 35 -3.10 2.68 0.75
N TYR A 36 -3.10 2.69 2.08
CA TYR A 36 -4.28 3.07 2.84
C TYR A 36 -4.40 4.58 2.74
N ASP A 37 -5.02 5.05 1.67
CA ASP A 37 -5.08 6.47 1.37
C ASP A 37 -6.37 6.78 0.64
N LYS A 38 -6.48 7.99 0.11
CA LYS A 38 -7.67 8.38 -0.62
C LYS A 38 -7.68 7.77 -2.01
N GLY A 39 -8.86 7.52 -2.54
CA GLY A 39 -8.99 7.08 -3.91
C GLY A 39 -9.15 8.25 -4.85
N ASN A 40 -10.24 8.26 -5.59
CA ASN A 40 -10.57 9.41 -6.43
C ASN A 40 -10.92 10.61 -5.54
N SER A 41 -10.75 11.82 -6.06
CA SER A 41 -10.90 13.03 -5.27
C SER A 41 -12.21 13.08 -4.50
N SER A 42 -13.29 12.71 -5.18
CA SER A 42 -14.62 12.76 -4.58
C SER A 42 -14.80 11.72 -3.47
N GLN A 43 -13.87 10.77 -3.38
CA GLN A 43 -14.01 9.67 -2.44
C GLN A 43 -13.23 9.91 -1.16
N GLN A 44 -12.01 10.45 -1.29
CA GLN A 44 -11.08 10.61 -0.15
C GLN A 44 -11.09 9.37 0.75
N THR A 45 -11.32 9.55 2.05
CA THR A 45 -11.45 8.47 3.04
C THR A 45 -10.41 7.36 2.86
N LYS A 46 -9.33 7.40 3.63
CA LYS A 46 -8.30 6.39 3.51
C LYS A 46 -8.88 5.01 3.76
N GLU A 47 -8.77 4.17 2.75
CA GLU A 47 -9.12 2.77 2.82
C GLU A 47 -8.10 2.02 2.02
N TRP A 48 -7.80 0.80 2.41
CA TRP A 48 -6.83 0.01 1.68
C TRP A 48 -7.28 -0.13 0.24
N ARG A 49 -6.56 0.48 -0.65
CA ARG A 49 -6.87 0.39 -2.05
C ARG A 49 -5.61 0.02 -2.80
N CYS A 50 -5.77 -0.42 -4.02
CA CYS A 50 -4.63 -0.76 -4.82
C CYS A 50 -4.36 0.40 -5.75
N TYR A 51 -3.17 0.94 -5.64
CA TYR A 51 -2.79 2.11 -6.40
C TYR A 51 -1.53 1.79 -7.17
N ILE A 52 -1.58 1.88 -8.48
CA ILE A 52 -0.36 1.71 -9.23
C ILE A 52 0.53 2.91 -9.03
N GLU A 53 1.83 2.73 -9.21
CA GLU A 53 2.82 3.76 -8.96
C GLU A 53 2.46 5.06 -9.69
N LYS A 54 1.79 4.90 -10.82
CA LYS A 54 1.22 6.01 -11.57
C LYS A 54 0.46 6.97 -10.66
N GLU A 55 -0.26 6.39 -9.74
CA GLU A 55 -1.27 7.10 -8.97
C GLU A 55 -0.73 7.63 -7.64
N LEU A 56 0.33 7.02 -7.13
CA LEU A 56 0.92 7.47 -5.88
C LEU A 56 1.84 8.65 -6.10
N ASP A 57 2.36 9.13 -4.99
CA ASP A 57 3.38 10.15 -4.96
C ASP A 57 4.46 9.72 -3.98
N PHE A 58 5.70 9.65 -4.44
CA PHE A 58 6.80 9.21 -3.60
C PHE A 58 7.56 10.38 -3.00
N SER A 59 6.99 11.58 -3.12
CA SER A 59 7.47 12.73 -2.39
C SER A 59 6.55 12.94 -1.20
N LYS A 60 5.55 12.07 -1.13
CA LYS A 60 4.71 11.94 0.02
C LYS A 60 5.14 10.71 0.78
N SER A 61 5.39 10.86 2.06
CA SER A 61 5.67 9.69 2.86
C SER A 61 4.36 9.02 3.22
N GLY A 62 4.25 7.76 2.89
CA GLY A 62 2.98 7.07 3.02
C GLY A 62 2.70 6.65 4.43
N ASP A 63 2.00 7.50 5.16
CA ASP A 63 1.53 7.17 6.50
C ASP A 63 0.29 6.29 6.39
N GLY A 64 0.22 5.56 5.29
CA GLY A 64 -0.93 4.73 4.99
C GLY A 64 -0.51 3.34 4.58
N CYS A 65 0.64 2.93 5.07
CA CYS A 65 1.11 1.58 4.85
C CYS A 65 0.96 0.79 6.13
N VAL A 66 1.10 -0.51 6.03
CA VAL A 66 1.19 -1.35 7.19
C VAL A 66 2.59 -1.94 7.22
N ASP A 67 3.09 -2.19 8.39
CA ASP A 67 4.45 -2.69 8.52
C ASP A 67 4.42 -4.21 8.63
N ASP A 68 5.43 -4.83 9.22
CA ASP A 68 5.42 -6.29 9.40
C ASP A 68 4.52 -6.67 10.57
N CYS A 69 3.37 -6.04 10.62
CA CYS A 69 2.36 -6.27 11.61
C CYS A 69 1.25 -5.32 11.27
N GLY A 70 -0.01 -5.69 11.48
CA GLY A 70 -1.09 -4.79 11.10
C GLY A 70 -1.16 -3.58 12.01
N SER A 71 -0.19 -2.71 11.82
CA SER A 71 -0.14 -1.40 12.39
C SER A 71 0.37 -0.49 11.29
N MET A 72 -0.15 0.71 11.18
CA MET A 72 0.21 1.56 10.07
C MET A 72 1.62 2.10 10.24
N THR A 73 2.37 2.06 9.16
CA THR A 73 3.74 2.51 9.15
C THR A 73 3.92 3.54 8.05
N SER A 74 4.87 4.44 8.24
CA SER A 74 5.12 5.47 7.25
C SER A 74 6.17 5.01 6.27
N CYS A 75 5.75 4.88 5.03
CA CYS A 75 6.61 4.39 3.96
C CYS A 75 6.27 5.10 2.64
N ARG A 76 7.30 5.60 1.95
CA ARG A 76 7.10 6.52 0.82
C ARG A 76 6.22 5.96 -0.28
N GLY A 77 5.11 6.64 -0.49
CA GLY A 77 4.15 6.28 -1.49
C GLY A 77 2.78 6.67 -1.01
N SER A 78 2.10 7.57 -1.69
CA SER A 78 0.76 7.96 -1.27
C SER A 78 0.05 8.79 -2.30
N VAL A 79 -1.25 8.65 -2.31
CA VAL A 79 -2.10 9.33 -3.27
C VAL A 79 -2.19 10.82 -2.96
N SER A 80 -1.37 11.60 -3.65
CA SER A 80 -1.34 13.05 -3.47
C SER A 80 -2.57 13.67 -4.11
N GLY A 81 -2.74 13.43 -5.40
CA GLY A 81 -3.95 13.85 -6.09
C GLY A 81 -4.85 12.67 -6.36
N PRO A 82 -6.10 12.92 -6.76
CA PRO A 82 -7.10 11.88 -7.02
C PRO A 82 -6.56 10.69 -7.79
N SER A 83 -6.64 9.52 -7.19
CA SER A 83 -6.21 8.29 -7.83
C SER A 83 -7.31 7.77 -8.73
N THR A 84 -6.95 7.46 -9.97
CA THR A 84 -7.90 6.92 -10.91
C THR A 84 -7.63 5.45 -11.14
N SER A 85 -6.37 5.14 -11.43
CA SER A 85 -5.96 3.78 -11.65
C SER A 85 -5.82 3.05 -10.31
N HIS A 86 -6.94 2.55 -9.80
CA HIS A 86 -6.94 1.99 -8.45
C HIS A 86 -8.12 1.05 -8.22
N LEU A 87 -7.94 0.13 -7.29
CA LEU A 87 -8.97 -0.80 -6.88
C LEU A 87 -9.19 -0.74 -5.37
N THR A 88 -10.36 -0.29 -4.96
CA THR A 88 -10.69 -0.28 -3.54
C THR A 88 -10.95 -1.69 -3.04
N ARG A 89 -9.90 -2.34 -2.57
CA ARG A 89 -10.06 -3.63 -1.92
C ARG A 89 -9.52 -3.55 -0.49
N PRO A 90 -10.16 -2.76 0.37
CA PRO A 90 -9.68 -2.57 1.73
C PRO A 90 -9.93 -3.80 2.57
N SER A 91 -10.96 -4.55 2.19
CA SER A 91 -11.24 -5.84 2.79
C SER A 91 -10.11 -6.81 2.48
N GLU A 92 -9.69 -6.77 1.22
CA GLU A 92 -8.74 -7.74 0.69
C GLU A 92 -7.30 -7.42 1.10
N LEU A 93 -6.94 -6.15 1.13
CA LEU A 93 -5.61 -5.77 1.62
C LEU A 93 -5.46 -6.16 3.09
N GLN A 94 -6.44 -5.77 3.91
CA GLN A 94 -6.34 -6.00 5.34
C GLN A 94 -6.43 -7.50 5.63
N ALA A 95 -6.95 -8.22 4.65
CA ALA A 95 -7.02 -9.67 4.72
C ALA A 95 -5.65 -10.30 4.71
N VAL A 96 -4.81 -9.87 3.78
CA VAL A 96 -3.46 -10.41 3.69
C VAL A 96 -2.65 -9.84 4.83
N ILE A 97 -2.98 -8.66 5.30
CA ILE A 97 -2.39 -8.16 6.52
C ILE A 97 -2.67 -9.17 7.61
N ASP A 98 -3.95 -9.38 7.86
CA ASP A 98 -4.38 -10.36 8.84
C ASP A 98 -3.77 -11.75 8.59
N SER A 99 -3.72 -12.16 7.33
CA SER A 99 -3.25 -13.50 6.97
C SER A 99 -1.72 -13.58 6.91
N ASP A 100 -1.12 -12.75 6.06
CA ASP A 100 0.33 -12.73 5.88
C ASP A 100 1.06 -12.25 7.12
N LYS A 101 0.34 -11.75 8.11
CA LYS A 101 0.93 -11.49 9.43
C LYS A 101 1.61 -12.74 9.98
N SER A 102 1.18 -13.91 9.51
CA SER A 102 1.84 -15.17 9.84
C SER A 102 3.22 -15.20 9.20
N ASN A 103 3.39 -14.42 8.15
CA ASN A 103 4.66 -14.30 7.45
C ASN A 103 5.46 -13.14 8.04
N TYR A 104 4.75 -12.12 8.50
CA TYR A 104 5.37 -10.95 9.11
C TYR A 104 4.47 -10.41 10.20
N CYS A 105 4.95 -10.46 11.42
CA CYS A 105 4.28 -9.83 12.52
C CYS A 105 5.24 -9.68 13.70
N THR A 106 5.36 -8.46 14.18
CA THR A 106 6.33 -8.10 15.20
C THR A 106 5.98 -8.67 16.57
N ASP A 107 6.99 -9.23 17.24
CA ASP A 107 6.83 -9.68 18.63
C ASP A 107 6.89 -8.45 19.54
N LYS A 108 7.69 -7.49 19.13
CA LYS A 108 7.62 -6.14 19.64
C LYS A 108 7.33 -5.25 18.46
N SER A 109 6.37 -4.34 18.56
CA SER A 109 6.01 -3.48 17.45
C SER A 109 7.13 -2.47 17.17
N GLU A 110 8.15 -2.94 16.45
CA GLU A 110 9.27 -2.09 16.08
C GLU A 110 8.80 -1.12 15.00
N GLN A 111 8.58 -1.66 13.78
CA GLN A 111 8.00 -0.93 12.63
C GLN A 111 8.58 0.48 12.46
N GLN A 112 7.89 1.33 11.71
CA GLN A 112 8.32 2.70 11.53
C GLN A 112 7.16 3.68 11.71
N PRO A 113 6.69 3.86 12.95
CA PRO A 113 5.69 4.86 13.27
C PRO A 113 6.34 6.19 13.65
N SER A 114 7.63 6.13 13.97
CA SER A 114 8.42 7.29 14.34
C SER A 114 9.86 6.86 14.54
N GLN A 115 10.04 5.68 15.17
CA GLN A 115 11.37 5.11 15.39
C GLN A 115 12.28 6.14 16.06
N ALA A 116 11.82 6.65 17.19
CA ALA A 116 12.54 7.68 17.93
C ALA A 116 12.29 7.50 19.43
N THR A 117 12.72 8.49 20.22
CA THR A 117 12.60 8.46 21.67
C THR A 117 13.67 7.57 22.30
N PRO A 118 14.50 8.14 23.19
CA PRO A 118 15.51 7.39 23.93
C PRO A 118 14.88 6.42 24.94
N PRO A 119 15.17 5.12 24.81
CA PRO A 119 14.65 4.10 25.72
C PRO A 119 15.16 4.31 27.14
N PRO A 120 14.24 4.45 28.12
CA PRO A 120 14.59 4.63 29.52
C PRO A 120 15.24 3.39 30.12
N GLU A 121 16.55 3.32 30.04
CA GLU A 121 17.28 2.15 30.47
C GLU A 121 17.39 2.12 31.99
N ILE A 122 18.04 3.13 32.55
CA ILE A 122 18.34 3.16 33.99
C ILE A 122 19.14 1.92 34.38
N PRO A 123 20.44 1.91 34.05
CA PRO A 123 21.31 0.76 34.29
C PRO A 123 21.74 0.65 35.75
#